data_8J8V
#
_entry.id   8J8V
#
loop_
_entity.id
_entity.type
_entity.pdbx_description
1 polymer Beta-arrestin-2
2 polymer 'Fab30 Heavy Chain'
3 polymer 'Fab30 Light Chain'
4 polymer 'Atypical chemokine receptor 2'
#
loop_
_entity_poly.entity_id
_entity_poly.type
_entity_poly.pdbx_seq_one_letter_code
_entity_poly.pdbx_strand_id
1 'polypeptide(L)'
;MGEKPGTRVFKKSSPNGKLTVYLGKRDFVDHLDKVDPVDGVVLVDPDYLKDRKVFVTLTVAFRYGREDCDVLGLSFRKDL
FIANYQAFPPTPNPPRPPTRLQERLLRKLGQHAHPFFFTIPQNLPSSVTLQPGPEDTGKALGVDFEIRAFVAKSLEEKSH
KRNSVRLVIRKVQFAPEKPGPQPSAETTRHFLMSDRSLHLEASLDKELYYHGEPLNVNVHVTNNSTKTVKKIKVSVRQYA
DIVLFSTAQYKVPVAQVEQDDQVSPSSTFSKVYTITPFLANNREKRGLALDGKLKHEDTNLASSTIVKEGANKEVLGILV
SYRVKVKLVVSRGGDVSVELPFVLMHPKPHDHIALPRPQSAATHPPTLLPSAVPETDAPVDTNLIEFETNYATDDDIVFE
DFARLRLKGLKDEDYDDQFC
;
A,F
2 'polypeptide(L)'
;EISEVQLVESGGGLVQPGGSLRLSCAASGFNVYSSSIHWVRQAPGKGLEWVASISSYYGYTYYADSVKGRFTISADTSKN
TAYLQMNSLRAEDTAVYYCARSRQFWYSGLDYWGQGTLVTVSSASTKGPSVFPLAPSSKSTSGGTAALGCLVKDYFPEPV
TVSWNSGALTSGVHTFPAVLQSSGLYSLSSVVTVPSSSLGTQTYICNVNHKPSNTKVDKKVEPKSCDKTHHHHHHHH
;
B,D
3 'polypeptide(L)'
;SDIQMTQSPSSLSASVGDRVTITCRASQSVSSAVAWYQQKPGKAPKLLIYSASSLYSGVPSRFSGSRSGTDFTLTISSLQ
PEDFATYYCQQYKYVPVTFGQGTKVEIKRTVAAPSVFIFPPSDSQLKSGTASVVCLLNNFYPREAKVQWKVDNALQSGNS
QESVTEQDSKDSTYSLSSTLTLSKADYEKHKVYACEVTHQGLSSPVTKSFNRGEC
;
C,E
4 'polypeptide(L)' G(TPO)AQA(SEP)L(SEP)(SEP)C(SEP)E(SEP)(SEP)IL(TPO)A G,H
#
# COMPACT_ATOMS: atom_id res chain seq x y z
N PRO A 5 -13.63 30.80 -24.62
CA PRO A 5 -12.89 31.68 -23.72
C PRO A 5 -12.45 30.97 -22.43
N GLY A 6 -13.42 30.43 -21.68
CA GLY A 6 -13.08 29.75 -20.45
C GLY A 6 -12.42 28.42 -20.70
N THR A 7 -11.55 28.04 -19.77
CA THR A 7 -10.81 26.77 -19.84
C THR A 7 -10.95 26.04 -18.53
N ARG A 8 -10.80 24.72 -18.59
CA ARG A 8 -10.89 23.87 -17.42
C ARG A 8 -9.49 23.54 -16.89
N VAL A 9 -9.38 23.50 -15.56
CA VAL A 9 -8.14 23.15 -14.89
C VAL A 9 -8.46 22.08 -13.85
N PHE A 10 -7.55 21.11 -13.71
CA PHE A 10 -7.78 19.98 -12.83
C PHE A 10 -7.14 20.23 -11.46
N LYS A 11 -7.79 19.71 -10.43
CA LYS A 11 -7.43 20.05 -9.06
C LYS A 11 -7.61 18.84 -8.16
N LYS A 12 -6.65 18.61 -7.28
CA LYS A 12 -6.75 17.61 -6.23
C LYS A 12 -6.13 18.18 -4.96
N SER A 13 -6.73 17.81 -3.82
CA SER A 13 -6.36 18.36 -2.54
C SER A 13 -5.84 17.28 -1.60
N SER A 14 -4.98 17.69 -0.67
CA SER A 14 -4.48 16.79 0.34
C SER A 14 -5.61 16.42 1.32
N PRO A 15 -5.53 15.25 1.96
CA PRO A 15 -6.57 14.86 2.92
C PRO A 15 -6.75 15.86 4.05
N ASN A 16 -5.67 16.51 4.47
CA ASN A 16 -5.76 17.56 5.48
C ASN A 16 -6.26 18.89 4.90
N GLY A 17 -6.21 19.05 3.58
CA GLY A 17 -6.78 20.21 2.93
C GLY A 17 -5.85 21.40 2.76
N LYS A 18 -4.67 21.37 3.35
CA LYS A 18 -3.75 22.49 3.27
C LYS A 18 -2.82 22.41 2.06
N LEU A 19 -2.86 21.33 1.30
CA LEU A 19 -2.01 21.18 0.12
C LEU A 19 -2.87 20.82 -1.07
N THR A 20 -2.66 21.53 -2.19
CA THR A 20 -3.48 21.35 -3.37
C THR A 20 -2.60 21.48 -4.61
N VAL A 21 -2.85 20.63 -5.61
CA VAL A 21 -2.09 20.61 -6.85
C VAL A 21 -3.02 20.98 -8.00
N TYR A 22 -2.59 21.92 -8.81
CA TYR A 22 -3.33 22.37 -9.98
C TYR A 22 -2.59 21.92 -11.23
N LEU A 23 -3.30 21.26 -12.15
CA LEU A 23 -2.73 20.79 -13.40
C LEU A 23 -3.59 21.25 -14.56
N GLY A 24 -2.94 21.74 -15.62
CA GLY A 24 -3.66 22.19 -16.79
C GLY A 24 -4.20 21.07 -17.66
N LYS A 25 -3.61 19.88 -17.56
CA LYS A 25 -4.00 18.75 -18.39
C LYS A 25 -3.78 17.46 -17.62
N ARG A 26 -4.41 16.39 -18.11
CA ARG A 26 -4.17 15.04 -17.59
C ARG A 26 -3.52 14.13 -18.60
N ASP A 27 -3.74 14.35 -19.89
CA ASP A 27 -3.12 13.58 -20.95
C ASP A 27 -2.11 14.45 -21.67
N PHE A 28 -0.86 14.00 -21.74
CA PHE A 28 0.22 14.75 -22.35
C PHE A 28 0.65 14.04 -23.63
N VAL A 29 0.55 14.74 -24.75
CA VAL A 29 0.78 14.14 -26.06
C VAL A 29 2.27 14.14 -26.37
N ASP A 30 2.73 13.05 -26.98
CA ASP A 30 4.11 12.94 -27.45
C ASP A 30 4.12 13.17 -28.96
N HIS A 31 5.02 14.03 -29.42
CA HIS A 31 5.11 14.39 -30.83
C HIS A 31 6.27 13.70 -31.54
N LEU A 32 6.88 12.69 -30.93
CA LEU A 32 7.95 11.89 -31.49
C LEU A 32 9.26 12.67 -31.57
N ASP A 33 9.21 13.96 -31.23
CA ASP A 33 10.41 14.78 -31.10
C ASP A 33 10.44 15.59 -29.82
N LYS A 34 9.28 15.91 -29.26
CA LYS A 34 9.19 16.61 -27.98
C LYS A 34 7.93 16.14 -27.27
N VAL A 35 7.95 16.22 -25.95
CA VAL A 35 6.83 15.83 -25.11
C VAL A 35 6.31 17.06 -24.40
N ASP A 36 4.99 17.17 -24.32
CA ASP A 36 4.36 18.31 -23.68
C ASP A 36 4.78 18.37 -22.22
N PRO A 37 5.40 19.47 -21.78
CA PRO A 37 5.91 19.53 -20.40
C PRO A 37 4.78 19.56 -19.38
N VAL A 38 5.05 18.97 -18.22
CA VAL A 38 4.09 18.96 -17.13
C VAL A 38 4.30 20.21 -16.30
N ASP A 39 3.44 21.22 -16.50
CA ASP A 39 3.51 22.47 -15.76
C ASP A 39 2.26 22.60 -14.89
N GLY A 40 2.47 22.91 -13.62
CA GLY A 40 1.37 23.01 -12.69
C GLY A 40 1.61 24.04 -11.60
N VAL A 41 0.72 24.06 -10.60
CA VAL A 41 0.79 25.04 -9.51
C VAL A 41 0.50 24.32 -8.20
N VAL A 42 1.29 24.62 -7.18
CA VAL A 42 1.13 24.05 -5.85
C VAL A 42 0.69 25.15 -4.89
N LEU A 43 -0.44 24.93 -4.22
CA LEU A 43 -0.98 25.88 -3.26
C LEU A 43 -0.74 25.35 -1.85
N VAL A 44 -0.15 26.18 -0.99
CA VAL A 44 0.20 25.79 0.37
C VAL A 44 0.21 27.03 1.24
N ASP A 45 -0.01 26.83 2.55
CA ASP A 45 0.04 27.89 3.55
C ASP A 45 1.38 27.82 4.27
N PRO A 46 2.20 28.89 4.20
CA PRO A 46 3.55 28.81 4.78
C PRO A 46 3.59 28.51 6.27
N ASP A 47 2.58 28.96 7.03
CA ASP A 47 2.57 28.67 8.46
C ASP A 47 2.34 27.19 8.76
N TYR A 48 1.64 26.54 7.83
CA TYR A 48 1.39 25.08 7.96
C TYR A 48 2.74 24.37 8.05
N LEU A 49 3.61 24.47 7.05
CA LEU A 49 4.95 23.86 7.20
C LEU A 49 5.79 24.97 7.77
N LYS A 50 5.86 25.08 9.09
CA LYS A 50 6.53 26.34 9.52
C LYS A 50 8.00 26.30 9.12
N ASP A 51 8.54 25.12 8.88
CA ASP A 51 10.00 24.96 8.57
C ASP A 51 10.25 23.84 7.55
N ARG A 52 9.20 23.15 7.08
CA ARG A 52 9.36 22.07 6.11
C ARG A 52 9.26 22.60 4.68
N LYS A 53 10.05 22.01 3.79
CA LYS A 53 10.04 22.39 2.39
C LYS A 53 9.01 21.56 1.62
N VAL A 54 8.63 22.06 0.45
CA VAL A 54 7.60 21.47 -0.38
C VAL A 54 8.27 20.86 -1.61
N PHE A 55 8.03 19.57 -1.84
CA PHE A 55 8.60 18.85 -2.97
C PHE A 55 7.50 18.17 -3.76
N VAL A 56 7.67 18.15 -5.08
CA VAL A 56 6.77 17.42 -5.98
C VAL A 56 7.60 16.50 -6.85
N THR A 57 7.09 15.29 -7.08
CA THR A 57 7.84 14.27 -7.81
C THR A 57 6.98 13.69 -8.92
N LEU A 58 7.59 13.53 -10.10
CA LEU A 58 6.99 12.84 -11.22
C LEU A 58 7.64 11.47 -11.36
N THR A 59 6.83 10.42 -11.34
CA THR A 59 7.35 9.06 -11.36
C THR A 59 6.59 8.22 -12.37
N VAL A 60 7.32 7.38 -13.09
CA VAL A 60 6.76 6.36 -13.97
C VAL A 60 7.31 5.02 -13.52
N ALA A 61 6.42 4.05 -13.32
CA ALA A 61 6.81 2.80 -12.67
C ALA A 61 6.20 1.61 -13.38
N PHE A 62 7.03 0.61 -13.63
CA PHE A 62 6.54 -0.71 -14.03
C PHE A 62 5.99 -1.43 -12.81
N ARG A 63 4.70 -1.74 -12.82
CA ARG A 63 4.02 -2.22 -11.63
C ARG A 63 3.34 -3.55 -11.92
N TYR A 64 2.80 -4.14 -10.86
CA TYR A 64 2.05 -5.39 -10.93
C TYR A 64 1.04 -5.43 -9.80
N GLY A 65 0.03 -6.28 -9.94
CA GLY A 65 -0.95 -6.44 -8.89
C GLY A 65 -1.82 -5.22 -8.69
N ARG A 66 -2.76 -5.29 -7.74
CA ARG A 66 -3.64 -4.16 -7.49
C ARG A 66 -2.91 -3.05 -6.73
N GLU A 67 -3.67 -2.04 -6.33
CA GLU A 67 -3.09 -0.82 -5.78
C GLU A 67 -3.09 -0.77 -4.25
N ASP A 68 -3.91 -1.57 -3.57
CA ASP A 68 -4.07 -1.44 -2.12
C ASP A 68 -3.53 -2.65 -1.37
N CYS A 69 -4.06 -3.85 -1.62
CA CYS A 69 -3.64 -5.02 -0.85
C CYS A 69 -3.92 -6.32 -1.57
N ASP A 70 -2.89 -6.93 -2.14
CA ASP A 70 -3.05 -8.24 -2.76
C ASP A 70 -2.44 -9.32 -1.87
N VAL A 71 -3.20 -10.40 -1.64
CA VAL A 71 -2.61 -11.57 -1.04
C VAL A 71 -2.08 -12.45 -2.16
N LEU A 72 -0.91 -12.07 -2.69
CA LEU A 72 -0.33 -12.65 -3.89
C LEU A 72 1.12 -12.22 -3.96
N GLY A 73 1.73 -12.39 -5.13
CA GLY A 73 3.02 -11.83 -5.44
C GLY A 73 2.87 -10.36 -5.80
N LEU A 74 2.71 -9.50 -4.79
CA LEU A 74 2.31 -8.11 -4.96
C LEU A 74 3.33 -7.32 -5.77
N SER A 75 3.03 -6.04 -6.01
CA SER A 75 3.65 -5.21 -7.03
C SER A 75 5.16 -5.30 -7.08
N PHE A 76 5.69 -5.78 -8.20
CA PHE A 76 7.09 -5.55 -8.53
C PHE A 76 7.19 -4.16 -9.13
N ARG A 77 7.70 -3.21 -8.37
CA ARG A 77 7.77 -1.82 -8.79
C ARG A 77 9.17 -1.49 -9.23
N LYS A 78 9.30 -0.94 -10.44
CA LYS A 78 10.59 -0.64 -11.05
C LYS A 78 10.46 0.72 -11.74
N ASP A 79 10.90 1.77 -11.05
CA ASP A 79 10.80 3.12 -11.58
C ASP A 79 11.67 3.28 -12.82
N LEU A 80 11.10 3.82 -13.89
CA LEU A 80 11.85 4.04 -15.11
C LEU A 80 12.37 5.47 -15.20
N PHE A 81 11.77 6.40 -14.47
CA PHE A 81 12.21 7.79 -14.47
C PHE A 81 11.71 8.46 -13.21
N ILE A 82 12.59 9.23 -12.57
CA ILE A 82 12.28 9.93 -11.34
C ILE A 82 12.75 11.38 -11.47
N ALA A 83 11.89 12.31 -11.08
CA ALA A 83 12.22 13.73 -11.09
C ALA A 83 11.78 14.35 -9.78
N ASN A 84 12.57 15.30 -9.28
CA ASN A 84 12.28 16.01 -8.05
C ASN A 84 12.29 17.51 -8.29
N TYR A 85 11.33 18.21 -7.70
CA TYR A 85 11.22 19.66 -7.84
C TYR A 85 10.80 20.25 -6.50
N GLN A 86 11.44 21.35 -6.11
CA GLN A 86 11.15 22.02 -4.85
C GLN A 86 10.25 23.21 -5.14
N ALA A 87 8.95 23.06 -4.85
CA ALA A 87 8.00 24.14 -5.14
C ALA A 87 8.21 25.33 -4.22
N PHE A 88 8.43 25.08 -2.91
CA PHE A 88 8.59 26.13 -1.93
C PHE A 88 9.62 25.66 -0.92
N PRO A 89 10.69 26.44 -0.67
CA PRO A 89 11.05 27.74 -1.26
C PRO A 89 11.38 27.66 -2.75
N PRO A 90 11.24 28.78 -3.46
CA PRO A 90 11.42 28.75 -4.91
C PRO A 90 12.82 28.33 -5.33
N THR A 91 12.88 27.61 -6.44
CA THR A 91 14.14 27.21 -7.06
C THR A 91 14.62 28.35 -7.97
N PRO A 92 15.82 28.23 -8.54
CA PRO A 92 16.25 29.21 -9.55
C PRO A 92 15.26 29.31 -10.70
N ASN A 93 15.45 30.36 -11.50
CA ASN A 93 14.51 30.69 -12.57
C ASN A 93 14.29 29.56 -13.58
N PRO A 94 15.32 28.90 -14.12
CA PRO A 94 15.07 27.90 -15.17
C PRO A 94 14.32 26.71 -14.61
N PRO A 95 13.59 25.97 -15.46
CA PRO A 95 13.44 26.20 -16.91
C PRO A 95 12.48 27.34 -17.26
N ARG A 96 13.04 28.45 -17.77
CA ARG A 96 12.32 29.62 -18.26
C ARG A 96 11.55 30.32 -17.14
N PRO A 97 11.08 31.55 -17.37
CA PRO A 97 10.10 32.13 -16.45
C PRO A 97 8.77 31.40 -16.58
N PRO A 98 7.86 31.55 -15.61
CA PRO A 98 6.61 30.79 -15.65
C PRO A 98 5.83 31.03 -16.94
N THR A 99 5.24 29.96 -17.45
CA THR A 99 4.54 30.01 -18.72
C THR A 99 3.20 30.73 -18.58
N ARG A 100 2.48 30.83 -19.69
CA ARG A 100 1.21 31.55 -19.70
C ARG A 100 0.19 30.89 -18.80
N LEU A 101 0.09 29.56 -18.84
CA LEU A 101 -0.83 28.86 -17.96
C LEU A 101 -0.44 29.02 -16.50
N GLN A 102 0.87 28.91 -16.21
CA GLN A 102 1.32 29.11 -14.84
C GLN A 102 1.05 30.54 -14.36
N GLU A 103 1.28 31.53 -15.23
CA GLU A 103 1.02 32.91 -14.86
C GLU A 103 -0.47 33.14 -14.59
N ARG A 104 -1.33 32.58 -15.44
CA ARG A 104 -2.77 32.74 -15.24
C ARG A 104 -3.21 32.06 -13.94
N LEU A 105 -2.69 30.87 -13.66
CA LEU A 105 -3.04 30.19 -12.42
C LEU A 105 -2.55 30.97 -11.20
N LEU A 106 -1.35 31.53 -11.26
CA LEU A 106 -0.85 32.33 -10.14
C LEU A 106 -1.70 33.57 -9.93
N ARG A 107 -2.12 34.22 -11.03
CA ARG A 107 -3.01 35.36 -10.91
C ARG A 107 -4.34 34.95 -10.28
N LYS A 108 -4.88 33.80 -10.68
CA LYS A 108 -6.14 33.33 -10.12
C LYS A 108 -6.01 33.02 -8.64
N LEU A 109 -4.90 32.41 -8.22
CA LEU A 109 -4.74 31.94 -6.86
C LEU A 109 -4.01 32.92 -5.95
N GLY A 110 -3.21 33.83 -6.51
CA GLY A 110 -2.52 34.80 -5.70
C GLY A 110 -1.12 34.37 -5.30
N GLN A 111 -0.63 35.02 -4.24
CA GLN A 111 0.73 34.74 -3.76
C GLN A 111 0.85 33.38 -3.10
N HIS A 112 -0.26 32.71 -2.79
CA HIS A 112 -0.22 31.39 -2.19
C HIS A 112 0.01 30.28 -3.21
N ALA A 113 0.45 30.62 -4.42
CA ALA A 113 0.65 29.66 -5.49
C ALA A 113 2.13 29.54 -5.82
N HIS A 114 2.56 28.32 -6.15
CA HIS A 114 3.95 28.06 -6.51
C HIS A 114 4.00 27.13 -7.71
N PRO A 115 4.69 27.51 -8.78
CA PRO A 115 4.73 26.68 -9.98
C PRO A 115 5.76 25.55 -9.87
N PHE A 116 5.46 24.46 -10.58
CA PHE A 116 6.40 23.37 -10.75
C PHE A 116 6.38 22.93 -12.20
N PHE A 117 7.51 22.39 -12.66
CA PHE A 117 7.72 22.15 -14.08
C PHE A 117 8.53 20.89 -14.27
N PHE A 118 8.03 19.98 -15.11
CA PHE A 118 8.72 18.74 -15.45
C PHE A 118 8.72 18.56 -16.95
N THR A 119 9.87 18.16 -17.50
CA THR A 119 9.99 17.86 -18.92
C THR A 119 10.16 16.35 -19.09
N ILE A 120 9.12 15.69 -19.59
CA ILE A 120 9.17 14.24 -19.78
C ILE A 120 10.18 13.91 -20.88
N PRO A 121 11.07 12.95 -20.67
CA PRO A 121 12.04 12.61 -21.73
C PRO A 121 11.37 11.90 -22.89
N GLN A 122 12.10 11.86 -24.01
CA GLN A 122 11.54 11.37 -25.26
C GLN A 122 11.42 9.85 -25.29
N ASN A 123 12.36 9.14 -24.66
CA ASN A 123 12.43 7.69 -24.78
C ASN A 123 11.54 6.94 -23.81
N LEU A 124 10.76 7.64 -22.98
CA LEU A 124 9.89 6.95 -22.03
C LEU A 124 8.72 6.30 -22.77
N PRO A 125 8.27 5.14 -22.30
CA PRO A 125 7.16 4.46 -22.97
C PRO A 125 5.82 5.11 -22.66
N SER A 126 4.81 4.70 -23.43
CA SER A 126 3.45 5.18 -23.23
C SER A 126 2.78 4.40 -22.10
N SER A 127 1.57 4.82 -21.76
CA SER A 127 0.80 4.19 -20.69
C SER A 127 -0.05 3.07 -21.28
N VAL A 128 0.25 1.82 -20.90
CA VAL A 128 -0.51 0.66 -21.33
C VAL A 128 -0.76 -0.23 -20.12
N THR A 129 -1.76 -1.10 -20.25
CA THR A 129 -2.14 -1.99 -19.16
C THR A 129 -2.46 -3.37 -19.74
N LEU A 130 -1.84 -4.41 -19.17
CA LEU A 130 -2.12 -5.78 -19.58
C LEU A 130 -3.43 -6.23 -18.95
N GLN A 131 -4.24 -6.94 -19.73
CA GLN A 131 -5.55 -7.37 -19.24
C GLN A 131 -5.38 -8.46 -18.19
N PRO A 132 -6.00 -8.32 -17.02
CA PRO A 132 -5.88 -9.37 -16.00
C PRO A 132 -6.57 -10.65 -16.44
N GLY A 133 -6.03 -11.78 -15.97
CA GLY A 133 -6.61 -13.07 -16.26
C GLY A 133 -7.90 -13.29 -15.49
N PRO A 134 -8.78 -14.13 -16.03
CA PRO A 134 -10.05 -14.41 -15.33
C PRO A 134 -9.87 -15.13 -14.02
N GLU A 135 -8.73 -15.78 -13.79
CA GLU A 135 -8.49 -16.50 -12.53
C GLU A 135 -7.83 -15.63 -11.47
N ASP A 136 -7.01 -14.68 -11.87
CA ASP A 136 -6.31 -13.82 -10.90
C ASP A 136 -7.30 -12.90 -10.18
N THR A 137 -7.01 -12.64 -8.91
CA THR A 137 -7.84 -11.77 -8.09
C THR A 137 -7.26 -10.36 -8.00
N GLY A 138 -6.73 -9.85 -9.11
CA GLY A 138 -6.14 -8.53 -9.11
C GLY A 138 -5.68 -8.17 -10.51
N LYS A 139 -5.46 -6.88 -10.71
CA LYS A 139 -5.05 -6.39 -12.02
C LYS A 139 -3.62 -6.84 -12.33
N ALA A 140 -3.31 -6.88 -13.62
CA ALA A 140 -2.05 -7.42 -14.10
C ALA A 140 -1.00 -6.31 -14.18
N LEU A 141 0.13 -6.62 -14.81
CA LEU A 141 1.25 -5.69 -14.90
C LEU A 141 0.94 -4.57 -15.90
N GLY A 142 1.59 -3.44 -15.69
CA GLY A 142 1.45 -2.31 -16.59
C GLY A 142 2.37 -1.19 -16.17
N VAL A 143 2.53 -0.22 -17.07
CA VAL A 143 3.35 0.96 -16.84
C VAL A 143 2.43 2.19 -16.86
N ASP A 144 2.64 3.10 -15.92
CA ASP A 144 1.80 4.28 -15.79
C ASP A 144 2.62 5.45 -15.26
N PHE A 145 2.07 6.65 -15.46
CA PHE A 145 2.67 7.89 -14.98
C PHE A 145 1.88 8.42 -13.81
N GLU A 146 2.57 9.06 -12.87
CA GLU A 146 1.90 9.50 -11.64
C GLU A 146 2.69 10.65 -11.04
N ILE A 147 1.98 11.53 -10.34
CA ILE A 147 2.57 12.73 -9.76
C ILE A 147 2.21 12.80 -8.28
N ARG A 148 3.20 13.14 -7.46
CA ARG A 148 3.02 13.29 -6.02
C ARG A 148 3.48 14.67 -5.58
N ALA A 149 2.90 15.15 -4.48
CA ALA A 149 3.29 16.39 -3.84
C ALA A 149 3.21 16.23 -2.33
N PHE A 150 4.23 16.71 -1.64
CA PHE A 150 4.30 16.56 -0.19
C PHE A 150 5.23 17.62 0.39
N VAL A 151 5.14 17.81 1.70
CA VAL A 151 6.04 18.69 2.44
C VAL A 151 6.87 17.83 3.38
N ALA A 152 8.19 18.04 3.37
CA ALA A 152 9.10 17.28 4.20
C ALA A 152 10.36 18.08 4.43
N LYS A 153 11.10 17.68 5.47
CA LYS A 153 12.36 18.33 5.79
C LYS A 153 13.45 17.98 4.80
N SER A 154 13.37 16.80 4.18
CA SER A 154 14.37 16.36 3.21
C SER A 154 13.73 15.37 2.26
N LEU A 155 14.40 15.15 1.13
CA LEU A 155 13.90 14.20 0.14
C LEU A 155 13.92 12.77 0.66
N GLU A 156 14.89 12.43 1.51
CA GLU A 156 15.01 11.08 2.03
C GLU A 156 14.04 10.79 3.17
N GLU A 157 13.28 11.79 3.62
CA GLU A 157 12.32 11.58 4.69
C GLU A 157 11.20 10.65 4.24
N LYS A 158 10.62 9.94 5.20
CA LYS A 158 9.58 8.98 4.91
C LYS A 158 8.30 9.70 4.45
N SER A 159 7.43 8.93 3.79
CA SER A 159 6.21 9.50 3.25
C SER A 159 5.21 9.80 4.37
N HIS A 160 4.29 10.72 4.08
CA HIS A 160 3.25 11.12 5.02
C HIS A 160 1.90 10.95 4.33
N LYS A 161 1.12 9.96 4.78
CA LYS A 161 -0.16 9.68 4.16
C LYS A 161 -1.15 10.82 4.34
N ARG A 162 -1.16 11.43 5.52
CA ARG A 162 -2.17 12.50 5.82
C ARG A 162 -1.81 13.81 5.13
N ASN A 163 -0.59 13.94 4.65
CA ASN A 163 -0.15 15.20 4.08
C ASN A 163 -0.01 15.18 2.57
N SER A 164 0.54 14.12 2.01
CA SER A 164 0.85 14.07 0.58
C SER A 164 -0.42 13.91 -0.24
N VAL A 165 -0.36 14.41 -1.47
CA VAL A 165 -1.44 14.29 -2.44
C VAL A 165 -0.89 13.59 -3.68
N ARG A 166 -1.66 12.65 -4.21
CA ARG A 166 -1.22 11.79 -5.29
C ARG A 166 -2.18 11.91 -6.46
N LEU A 167 -1.63 12.16 -7.66
CA LEU A 167 -2.44 12.43 -8.84
C LEU A 167 -1.87 11.63 -10.01
N VAL A 168 -2.76 11.13 -10.87
CA VAL A 168 -2.37 10.28 -11.99
C VAL A 168 -2.48 11.06 -13.29
N ILE A 169 -1.46 10.91 -14.14
CA ILE A 169 -1.46 11.48 -15.49
C ILE A 169 -1.19 10.36 -16.49
N ARG A 170 -1.26 10.71 -17.77
CA ARG A 170 -1.07 9.73 -18.83
C ARG A 170 -0.22 10.32 -19.94
N LYS A 171 0.45 9.44 -20.68
CA LYS A 171 1.21 9.80 -21.87
C LYS A 171 0.58 9.10 -23.07
N VAL A 172 0.18 9.89 -24.07
CA VAL A 172 -0.56 9.37 -25.21
C VAL A 172 0.10 9.80 -26.51
N GLN A 173 -0.20 9.06 -27.58
CA GLN A 173 0.27 9.36 -28.92
C GLN A 173 -0.91 9.34 -29.87
N PHE A 174 -0.79 10.09 -30.96
CA PHE A 174 -1.84 10.17 -31.97
C PHE A 174 -1.26 9.87 -33.36
N ALA A 175 -2.15 9.55 -34.28
CA ALA A 175 -1.74 9.09 -35.60
C ALA A 175 -0.96 10.19 -36.33
N PRO A 176 0.15 9.86 -36.99
CA PRO A 176 0.87 10.86 -37.78
C PRO A 176 0.05 11.29 -38.99
N GLU A 177 0.29 12.53 -39.42
CA GLU A 177 -0.45 13.08 -40.56
C GLU A 177 -0.10 12.35 -41.85
N LYS A 178 1.18 12.06 -42.07
CA LYS A 178 1.61 11.49 -43.33
C LYS A 178 1.23 10.01 -43.43
N PRO A 179 0.88 9.54 -44.62
CA PRO A 179 0.61 8.11 -44.81
C PRO A 179 1.89 7.32 -44.96
N GLY A 180 1.80 6.02 -44.69
CA GLY A 180 2.92 5.13 -44.81
C GLY A 180 2.85 4.26 -46.04
N PRO A 181 3.90 3.46 -46.28
CA PRO A 181 3.88 2.56 -47.45
C PRO A 181 2.82 1.48 -47.29
N GLN A 182 2.29 1.04 -48.42
CA GLN A 182 1.24 0.03 -48.43
C GLN A 182 1.81 -1.32 -47.98
N PRO A 183 1.24 -1.93 -46.94
CA PRO A 183 1.76 -3.24 -46.48
C PRO A 183 1.34 -4.34 -47.44
N SER A 184 2.32 -5.02 -48.02
CA SER A 184 2.06 -6.15 -48.90
C SER A 184 3.18 -7.16 -48.74
N ALA A 185 2.85 -8.43 -48.92
CA ALA A 185 3.83 -9.51 -48.79
C ALA A 185 3.46 -10.66 -49.69
N GLU A 186 4.45 -11.48 -50.01
CA GLU A 186 4.26 -12.65 -50.86
C GLU A 186 5.10 -13.80 -50.32
N THR A 187 4.73 -15.01 -50.70
CA THR A 187 5.45 -16.20 -50.28
C THR A 187 5.15 -17.33 -51.25
N THR A 188 6.19 -18.12 -51.56
CA THR A 188 6.06 -19.25 -52.48
C THR A 188 6.47 -20.53 -51.77
N ARG A 189 5.77 -21.62 -52.11
CA ARG A 189 6.05 -22.95 -51.56
C ARG A 189 5.94 -23.96 -52.71
N HIS A 190 7.08 -24.23 -53.34
CA HIS A 190 7.10 -25.18 -54.46
C HIS A 190 7.24 -26.61 -53.95
N PHE A 191 6.81 -27.53 -54.80
CA PHE A 191 6.77 -28.96 -54.46
C PHE A 191 8.08 -29.62 -54.90
N LEU A 192 8.16 -30.95 -54.96
CA LEU A 192 9.46 -31.64 -55.03
C LEU A 192 10.22 -31.30 -56.31
N MET A 193 9.59 -31.45 -57.48
CA MET A 193 10.34 -31.37 -58.72
C MET A 193 9.70 -30.44 -59.75
N SER A 194 8.40 -30.21 -59.64
CA SER A 194 7.68 -29.42 -60.62
C SER A 194 8.09 -27.94 -60.52
N ASP A 195 8.25 -27.32 -61.69
CA ASP A 195 8.48 -25.88 -61.74
C ASP A 195 7.26 -25.11 -61.25
N ARG A 196 6.09 -25.75 -61.27
CA ARG A 196 4.89 -25.16 -60.68
C ARG A 196 5.13 -24.89 -59.20
N SER A 197 4.66 -23.74 -58.73
CA SER A 197 4.93 -23.32 -57.36
C SER A 197 3.70 -22.66 -56.78
N LEU A 198 3.27 -23.13 -55.62
CA LEU A 198 2.19 -22.46 -54.89
C LEU A 198 2.62 -21.06 -54.51
N HIS A 199 1.76 -20.08 -54.75
CA HIS A 199 2.08 -18.68 -54.58
C HIS A 199 0.84 -17.91 -54.13
N LEU A 200 0.97 -17.18 -53.03
CA LEU A 200 -0.12 -16.34 -52.55
C LEU A 200 0.39 -14.93 -52.34
N GLU A 201 -0.51 -13.96 -52.51
CA GLU A 201 -0.20 -12.56 -52.27
C GLU A 201 -1.31 -11.94 -51.45
N ALA A 202 -0.94 -11.24 -50.39
CA ALA A 202 -1.88 -10.54 -49.54
C ALA A 202 -1.38 -9.12 -49.33
N SER A 203 -2.32 -8.18 -49.24
CA SER A 203 -1.98 -6.78 -49.06
C SER A 203 -3.11 -6.06 -48.35
N LEU A 204 -2.77 -4.94 -47.72
CA LEU A 204 -3.75 -4.10 -47.06
C LEU A 204 -4.11 -2.91 -47.95
N ASP A 205 -5.11 -2.15 -47.51
CA ASP A 205 -5.50 -0.95 -48.24
C ASP A 205 -4.84 0.31 -47.71
N LYS A 206 -4.43 0.31 -46.45
CA LYS A 206 -3.70 1.43 -45.86
C LYS A 206 -2.65 0.87 -44.91
N GLU A 207 -1.86 1.77 -44.33
CA GLU A 207 -0.87 1.37 -43.33
C GLU A 207 -1.28 1.75 -41.93
N LEU A 208 -2.16 2.73 -41.77
CA LEU A 208 -2.65 3.16 -40.47
C LEU A 208 -4.16 3.03 -40.43
N TYR A 209 -4.69 2.42 -39.37
CA TYR A 209 -6.11 2.23 -39.19
C TYR A 209 -6.56 2.81 -37.86
N TYR A 210 -7.70 3.49 -37.86
CA TYR A 210 -8.25 4.02 -36.64
C TYR A 210 -8.95 2.91 -35.85
N HIS A 211 -9.20 3.20 -34.57
CA HIS A 211 -9.79 2.19 -33.69
C HIS A 211 -11.23 1.94 -34.08
N GLY A 212 -11.55 0.68 -34.36
CA GLY A 212 -12.86 0.30 -34.86
C GLY A 212 -13.00 0.31 -36.36
N GLU A 213 -12.01 0.81 -37.08
CA GLU A 213 -12.04 0.84 -38.54
C GLU A 213 -11.68 -0.54 -39.10
N PRO A 214 -12.42 -1.03 -40.09
CA PRO A 214 -12.16 -2.37 -40.62
C PRO A 214 -10.90 -2.42 -41.45
N LEU A 215 -10.35 -3.62 -41.57
CA LEU A 215 -9.16 -3.88 -42.36
C LEU A 215 -9.53 -4.75 -43.55
N ASN A 216 -9.13 -4.33 -44.75
CA ASN A 216 -9.37 -5.07 -45.97
C ASN A 216 -8.07 -5.71 -46.43
N VAL A 217 -8.07 -7.03 -46.59
CA VAL A 217 -6.92 -7.78 -47.06
C VAL A 217 -7.26 -8.43 -48.40
N ASN A 218 -6.42 -8.19 -49.39
CA ASN A 218 -6.65 -8.69 -50.75
C ASN A 218 -5.77 -9.92 -50.98
N VAL A 219 -6.29 -11.07 -50.58
CA VAL A 219 -5.56 -12.33 -50.74
C VAL A 219 -5.65 -12.77 -52.20
N HIS A 220 -4.48 -13.01 -52.81
CA HIS A 220 -4.39 -13.45 -54.20
C HIS A 220 -3.52 -14.69 -54.23
N VAL A 221 -4.12 -15.83 -54.61
CA VAL A 221 -3.46 -17.12 -54.58
C VAL A 221 -3.27 -17.62 -56.01
N THR A 222 -2.06 -18.00 -56.35
CA THR A 222 -1.73 -18.55 -57.67
C THR A 222 -1.20 -19.97 -57.44
N ASN A 223 -2.11 -20.92 -57.37
CA ASN A 223 -1.75 -22.32 -57.14
C ASN A 223 -1.77 -23.07 -58.47
N ASN A 224 -0.69 -22.92 -59.22
CA ASN A 224 -0.52 -23.61 -60.49
C ASN A 224 -0.04 -25.04 -60.32
N SER A 225 0.21 -25.48 -59.10
CA SER A 225 0.69 -26.83 -58.84
C SER A 225 -0.49 -27.81 -58.80
N THR A 226 -0.19 -29.03 -58.38
CA THR A 226 -1.14 -30.13 -58.45
C THR A 226 -1.87 -30.42 -57.14
N LYS A 227 -1.65 -29.61 -56.10
CA LYS A 227 -2.30 -29.83 -54.82
C LYS A 227 -3.48 -28.89 -54.64
N THR A 228 -4.38 -29.25 -53.74
CA THR A 228 -5.62 -28.54 -53.51
C THR A 228 -5.57 -27.79 -52.18
N VAL A 229 -5.97 -26.53 -52.20
CA VAL A 229 -6.05 -25.71 -51.00
C VAL A 229 -7.45 -25.82 -50.42
N LYS A 230 -7.55 -26.15 -49.13
CA LYS A 230 -8.84 -26.39 -48.51
C LYS A 230 -9.47 -25.13 -47.90
N LYS A 231 -8.69 -24.33 -47.17
CA LYS A 231 -9.24 -23.18 -46.46
C LYS A 231 -8.25 -22.03 -46.51
N ILE A 232 -8.77 -20.83 -46.30
CA ILE A 232 -7.97 -19.64 -46.07
C ILE A 232 -8.40 -19.03 -44.74
N LYS A 233 -7.45 -18.88 -43.82
CA LYS A 233 -7.71 -18.37 -42.49
C LYS A 233 -6.93 -17.08 -42.28
N VAL A 234 -7.63 -16.03 -41.85
CA VAL A 234 -7.05 -14.70 -41.68
C VAL A 234 -7.18 -14.31 -40.22
N SER A 235 -6.08 -13.85 -39.63
CA SER A 235 -6.04 -13.52 -38.21
C SER A 235 -5.35 -12.18 -38.02
N VAL A 236 -5.67 -11.51 -36.92
CA VAL A 236 -5.01 -10.28 -36.50
C VAL A 236 -4.36 -10.53 -35.15
N ARG A 237 -3.05 -10.35 -35.08
CA ARG A 237 -2.25 -10.69 -33.91
C ARG A 237 -1.76 -9.43 -33.23
N GLN A 238 -1.83 -9.40 -31.90
CA GLN A 238 -1.28 -8.31 -31.11
C GLN A 238 0.00 -8.77 -30.44
N TYR A 239 1.08 -8.03 -30.67
CA TYR A 239 2.41 -8.36 -30.14
C TYR A 239 2.71 -7.44 -28.98
N ALA A 240 2.74 -7.99 -27.77
CA ALA A 240 3.07 -7.25 -26.57
C ALA A 240 4.49 -7.59 -26.15
N ASP A 241 5.42 -6.68 -26.39
CA ASP A 241 6.84 -6.88 -26.11
C ASP A 241 7.16 -6.20 -24.79
N ILE A 242 7.63 -6.99 -23.82
CA ILE A 242 7.97 -6.51 -22.49
C ILE A 242 9.48 -6.50 -22.36
N VAL A 243 10.06 -5.34 -22.09
CA VAL A 243 11.49 -5.17 -21.94
C VAL A 243 11.76 -4.57 -20.55
N LEU A 244 12.34 -5.38 -19.67
CA LEU A 244 12.79 -4.90 -18.36
C LEU A 244 14.30 -4.94 -18.23
N PHE A 245 14.91 -6.11 -18.42
CA PHE A 245 16.34 -6.22 -18.67
C PHE A 245 16.54 -7.24 -19.79
N SER A 246 15.56 -8.11 -19.97
CA SER A 246 15.50 -9.04 -21.09
C SER A 246 14.23 -8.80 -21.88
N THR A 247 14.26 -9.20 -23.15
CA THR A 247 13.17 -8.95 -24.08
C THR A 247 12.30 -10.20 -24.17
N ALA A 248 11.01 -10.05 -23.86
CA ALA A 248 10.05 -11.14 -23.94
C ALA A 248 8.89 -10.71 -24.81
N GLN A 249 8.57 -11.52 -25.82
CA GLN A 249 7.52 -11.21 -26.79
C GLN A 249 6.35 -12.15 -26.57
N TYR A 250 5.14 -11.60 -26.55
CA TYR A 250 3.92 -12.36 -26.33
C TYR A 250 2.93 -12.02 -27.44
N LYS A 251 2.36 -13.05 -28.06
CA LYS A 251 1.42 -12.88 -29.16
C LYS A 251 0.02 -13.21 -28.67
N VAL A 252 -0.94 -12.34 -29.01
CA VAL A 252 -2.33 -12.55 -28.66
C VAL A 252 -3.19 -12.35 -29.90
N PRO A 253 -3.94 -13.35 -30.34
CA PRO A 253 -4.86 -13.14 -31.48
C PRO A 253 -6.12 -12.42 -31.02
N VAL A 254 -6.53 -11.42 -31.79
CA VAL A 254 -7.66 -10.58 -31.42
C VAL A 254 -8.81 -10.62 -32.41
N ALA A 255 -8.64 -11.25 -33.57
CA ALA A 255 -9.70 -11.34 -34.57
C ALA A 255 -9.36 -12.43 -35.56
N GLN A 256 -10.36 -13.21 -35.95
CA GLN A 256 -10.17 -14.29 -36.90
C GLN A 256 -11.36 -14.35 -37.84
N VAL A 257 -11.08 -14.58 -39.12
CA VAL A 257 -12.09 -14.74 -40.15
C VAL A 257 -11.76 -15.97 -40.97
N GLU A 258 -12.70 -16.90 -41.07
CA GLU A 258 -12.47 -18.15 -41.79
C GLU A 258 -13.63 -18.40 -42.75
N GLN A 259 -13.31 -18.71 -44.01
CA GLN A 259 -14.30 -19.08 -45.00
C GLN A 259 -13.78 -20.27 -45.79
N ASP A 260 -14.68 -21.19 -46.11
CA ASP A 260 -14.32 -22.42 -46.82
C ASP A 260 -14.21 -22.20 -48.33
N ASP A 261 -13.24 -21.36 -48.72
CA ASP A 261 -13.00 -21.02 -50.11
C ASP A 261 -11.90 -21.90 -50.72
N GLN A 262 -12.29 -23.13 -51.05
CA GLN A 262 -11.37 -24.09 -51.63
C GLN A 262 -10.87 -23.61 -52.99
N VAL A 263 -9.63 -23.98 -53.32
CA VAL A 263 -8.98 -23.60 -54.57
C VAL A 263 -8.69 -24.85 -55.37
N SER A 264 -9.11 -24.85 -56.63
CA SER A 264 -8.86 -25.99 -57.51
C SER A 264 -7.41 -25.98 -57.98
N PRO A 265 -6.86 -27.16 -58.29
CA PRO A 265 -5.47 -27.23 -58.77
C PRO A 265 -5.31 -26.52 -60.11
N SER A 266 -4.11 -25.96 -60.30
CA SER A 266 -3.75 -25.26 -61.55
C SER A 266 -4.74 -24.14 -61.87
N SER A 267 -5.15 -23.41 -60.85
CA SER A 267 -6.08 -22.30 -61.02
C SER A 267 -5.81 -21.24 -59.97
N THR A 268 -6.19 -20.00 -60.29
CA THR A 268 -5.98 -18.88 -59.40
C THR A 268 -7.20 -18.64 -58.51
N PHE A 269 -7.05 -17.71 -57.58
CA PHE A 269 -8.15 -17.34 -56.69
C PHE A 269 -7.91 -15.91 -56.22
N SER A 270 -9.00 -15.20 -55.93
CA SER A 270 -8.91 -13.81 -55.50
C SER A 270 -10.11 -13.48 -54.64
N LYS A 271 -9.86 -12.82 -53.50
CA LYS A 271 -10.92 -12.39 -52.60
C LYS A 271 -10.43 -11.20 -51.80
N VAL A 272 -11.38 -10.42 -51.29
CA VAL A 272 -11.10 -9.26 -50.46
C VAL A 272 -11.84 -9.45 -49.15
N TYR A 273 -11.12 -9.84 -48.10
CA TYR A 273 -11.73 -10.11 -46.82
C TYR A 273 -11.91 -8.82 -46.03
N THR A 274 -12.60 -8.93 -44.89
CA THR A 274 -12.79 -7.82 -43.97
C THR A 274 -12.65 -8.33 -42.54
N ILE A 275 -11.95 -7.58 -41.71
CA ILE A 275 -11.70 -7.96 -40.32
C ILE A 275 -11.60 -6.70 -39.48
N THR A 276 -12.03 -6.80 -38.22
CA THR A 276 -12.05 -5.65 -37.33
C THR A 276 -11.74 -6.06 -35.89
N PRO A 277 -10.61 -5.62 -35.35
CA PRO A 277 -10.33 -5.88 -33.93
C PRO A 277 -11.23 -5.05 -33.03
N PHE A 278 -11.71 -5.67 -31.96
CA PHE A 278 -12.49 -4.97 -30.95
C PHE A 278 -12.41 -5.74 -29.64
N LEU A 279 -12.93 -5.13 -28.57
CA LEU A 279 -12.77 -5.65 -27.22
C LEU A 279 -13.93 -6.51 -26.76
N ALA A 280 -15.00 -6.61 -27.55
CA ALA A 280 -16.19 -7.33 -27.08
C ALA A 280 -15.90 -8.82 -26.88
N ASN A 281 -15.20 -9.43 -27.82
CA ASN A 281 -14.88 -10.86 -27.74
C ASN A 281 -13.44 -11.10 -27.28
N ASN A 282 -12.90 -10.25 -26.41
CA ASN A 282 -11.54 -10.41 -25.93
C ASN A 282 -11.39 -10.14 -24.44
N ARG A 283 -12.48 -10.21 -23.68
CA ARG A 283 -12.42 -9.87 -22.26
C ARG A 283 -11.88 -11.02 -21.40
N GLU A 284 -11.83 -12.23 -21.94
CA GLU A 284 -11.34 -13.38 -21.19
C GLU A 284 -9.88 -13.70 -21.48
N LYS A 285 -9.26 -13.01 -22.43
CA LYS A 285 -7.89 -13.31 -22.84
C LYS A 285 -6.90 -12.66 -21.87
N ARG A 286 -6.04 -13.47 -21.28
CA ARG A 286 -4.98 -12.94 -20.43
C ARG A 286 -3.83 -12.43 -21.28
N GLY A 287 -3.19 -11.35 -20.82
CA GLY A 287 -2.06 -10.79 -21.54
C GLY A 287 -2.42 -9.88 -22.69
N LEU A 288 -3.67 -9.44 -22.78
CA LEU A 288 -4.09 -8.50 -23.83
C LEU A 288 -3.75 -7.09 -23.38
N ALA A 289 -3.08 -6.33 -24.25
CA ALA A 289 -2.64 -4.98 -23.91
C ALA A 289 -3.77 -3.98 -24.16
N LEU A 290 -4.01 -3.11 -23.18
CA LEU A 290 -5.04 -2.09 -23.26
C LEU A 290 -4.42 -0.73 -22.94
N ASP A 291 -5.08 0.33 -23.41
CA ASP A 291 -4.62 1.69 -23.12
C ASP A 291 -4.80 2.00 -21.64
N GLY A 292 -3.95 2.93 -21.16
CA GLY A 292 -3.99 3.28 -19.75
C GLY A 292 -5.28 3.95 -19.34
N LYS A 293 -5.63 3.76 -18.07
CA LYS A 293 -6.86 4.27 -17.51
C LYS A 293 -6.54 5.27 -16.39
N LEU A 294 -7.45 6.23 -16.20
CA LEU A 294 -7.30 7.16 -15.08
C LEU A 294 -7.75 6.53 -13.76
N LYS A 295 -8.99 6.11 -13.68
CA LYS A 295 -9.43 5.40 -12.47
C LYS A 295 -9.75 3.97 -12.88
N HIS A 296 -10.92 3.76 -13.49
CA HIS A 296 -11.26 2.40 -13.98
C HIS A 296 -12.11 2.51 -15.24
N GLU A 297 -11.97 3.62 -15.97
CA GLU A 297 -12.80 3.80 -17.16
C GLU A 297 -12.41 2.78 -18.24
N ASP A 298 -13.39 2.44 -19.07
CA ASP A 298 -13.16 1.51 -20.16
C ASP A 298 -12.18 2.10 -21.16
N THR A 299 -11.29 1.24 -21.68
CA THR A 299 -10.31 1.67 -22.66
C THR A 299 -10.27 0.67 -23.80
N ASN A 300 -9.97 1.18 -24.99
CA ASN A 300 -9.87 0.35 -26.18
C ASN A 300 -8.61 -0.51 -26.14
N LEU A 301 -8.40 -1.26 -27.22
CA LEU A 301 -7.17 -2.01 -27.38
C LEU A 301 -6.00 -1.03 -27.44
N ALA A 302 -4.86 -1.46 -26.90
CA ALA A 302 -3.70 -0.57 -26.80
C ALA A 302 -3.25 -0.12 -28.18
N SER A 303 -3.02 1.18 -28.32
CA SER A 303 -2.53 1.73 -29.57
C SER A 303 -1.11 1.28 -29.83
N SER A 304 -0.75 1.15 -31.11
CA SER A 304 0.58 0.72 -31.47
C SER A 304 1.62 1.72 -31.00
N THR A 305 2.75 1.22 -30.52
CA THR A 305 3.85 2.08 -30.13
C THR A 305 4.80 2.23 -31.31
N ILE A 306 4.92 3.44 -31.84
CA ILE A 306 5.83 3.75 -32.94
C ILE A 306 7.03 4.48 -32.38
N VAL A 307 8.19 4.25 -32.99
CA VAL A 307 9.44 4.85 -32.56
C VAL A 307 9.96 5.71 -33.70
N LYS A 308 10.63 6.81 -33.36
CA LYS A 308 11.19 7.70 -34.37
C LYS A 308 12.16 6.95 -35.27
N GLU A 309 12.46 7.56 -36.43
CA GLU A 309 13.37 6.94 -37.38
C GLU A 309 14.73 6.68 -36.78
N GLY A 310 15.17 7.55 -35.86
CA GLY A 310 16.40 7.32 -35.12
C GLY A 310 16.17 6.47 -33.89
N ALA A 311 15.68 5.25 -34.08
CA ALA A 311 15.39 4.36 -32.97
C ALA A 311 16.69 3.76 -32.42
N ASN A 312 17.34 4.49 -31.51
CA ASN A 312 18.65 4.04 -31.03
C ASN A 312 18.56 2.97 -29.95
N LYS A 313 18.01 3.29 -28.77
CA LYS A 313 17.83 2.24 -27.78
C LYS A 313 16.36 2.03 -27.44
N GLU A 314 15.74 3.04 -26.80
CA GLU A 314 14.29 3.12 -26.63
C GLU A 314 13.65 1.93 -25.91
N VAL A 315 14.44 0.94 -25.50
CA VAL A 315 13.87 -0.31 -25.02
C VAL A 315 13.62 -0.30 -23.51
N LEU A 316 12.51 0.29 -23.09
CA LEU A 316 11.98 0.12 -21.74
C LEU A 316 10.48 -0.06 -21.84
N GLY A 317 9.87 -0.54 -20.76
CA GLY A 317 8.43 -0.62 -20.70
C GLY A 317 7.84 -1.68 -21.61
N ILE A 318 6.59 -1.45 -22.01
CA ILE A 318 5.82 -2.39 -22.82
C ILE A 318 5.57 -1.75 -24.18
N LEU A 319 5.88 -2.50 -25.24
CA LEU A 319 5.72 -2.03 -26.61
C LEU A 319 4.70 -2.91 -27.32
N VAL A 320 3.70 -2.29 -27.94
CA VAL A 320 2.59 -3.00 -28.58
C VAL A 320 2.72 -2.85 -30.09
N SER A 321 2.38 -3.91 -30.81
CA SER A 321 2.39 -3.91 -32.27
C SER A 321 1.33 -4.88 -32.78
N TYR A 322 0.91 -4.68 -34.02
CA TYR A 322 -0.13 -5.49 -34.64
C TYR A 322 0.34 -6.02 -35.97
N ARG A 323 -0.18 -7.20 -36.34
CA ARG A 323 0.14 -7.83 -37.60
C ARG A 323 -1.05 -8.65 -38.07
N VAL A 324 -1.38 -8.53 -39.35
CA VAL A 324 -2.42 -9.35 -39.96
C VAL A 324 -1.76 -10.58 -40.58
N LYS A 325 -2.33 -11.75 -40.30
CA LYS A 325 -1.78 -13.01 -40.78
C LYS A 325 -2.76 -13.68 -41.73
N VAL A 326 -2.25 -14.10 -42.88
CA VAL A 326 -3.02 -14.86 -43.87
C VAL A 326 -2.37 -16.23 -43.99
N LYS A 327 -3.17 -17.28 -43.88
CA LYS A 327 -2.65 -18.64 -43.88
C LYS A 327 -3.50 -19.52 -44.78
N LEU A 328 -2.85 -20.34 -45.60
CA LEU A 328 -3.54 -21.31 -46.43
C LEU A 328 -3.37 -22.71 -45.84
N VAL A 329 -4.50 -23.40 -45.66
CA VAL A 329 -4.50 -24.75 -45.10
C VAL A 329 -4.59 -25.74 -46.25
N VAL A 330 -3.62 -26.65 -46.33
CA VAL A 330 -3.52 -27.62 -47.41
C VAL A 330 -3.51 -29.02 -46.81
N SER A 331 -4.07 -29.97 -47.56
CA SER A 331 -4.14 -31.35 -47.11
C SER A 331 -2.73 -31.93 -46.98
N ARG A 332 -2.51 -32.66 -45.88
CA ARG A 332 -1.24 -33.32 -45.59
C ARG A 332 -0.08 -32.30 -45.56
N GLY A 333 -0.19 -31.37 -44.62
CA GLY A 333 0.86 -30.39 -44.44
C GLY A 333 0.81 -29.30 -45.51
N GLY A 334 1.99 -28.77 -45.83
CA GLY A 334 2.08 -27.71 -46.82
C GLY A 334 1.45 -26.40 -46.41
N ASP A 335 1.57 -26.03 -45.14
CA ASP A 335 1.03 -24.75 -44.68
C ASP A 335 1.92 -23.61 -45.17
N VAL A 336 1.29 -22.57 -45.70
CA VAL A 336 2.01 -21.39 -46.20
C VAL A 336 1.28 -20.15 -45.71
N SER A 337 2.05 -19.16 -45.27
CA SER A 337 1.46 -18.00 -44.61
C SER A 337 2.26 -16.75 -44.93
N VAL A 338 1.58 -15.60 -44.84
CA VAL A 338 2.19 -14.29 -44.95
C VAL A 338 1.67 -13.42 -43.81
N GLU A 339 2.42 -12.37 -43.48
CA GLU A 339 2.04 -11.44 -42.42
C GLU A 339 2.16 -10.02 -42.91
N LEU A 340 1.19 -9.20 -42.55
CA LEU A 340 1.11 -7.80 -43.02
C LEU A 340 1.09 -6.87 -41.81
N PRO A 341 2.21 -6.26 -41.46
CA PRO A 341 2.21 -5.31 -40.33
C PRO A 341 1.40 -4.07 -40.63
N PHE A 342 0.85 -3.48 -39.58
CA PHE A 342 0.11 -2.23 -39.68
C PHE A 342 0.11 -1.54 -38.32
N VAL A 343 -0.24 -0.27 -38.33
CA VAL A 343 -0.27 0.55 -37.09
C VAL A 343 -1.71 0.93 -36.81
N LEU A 344 -2.09 0.96 -35.55
CA LEU A 344 -3.46 1.24 -35.12
C LEU A 344 -3.41 2.36 -34.09
N MET A 345 -4.02 3.50 -34.43
CA MET A 345 -3.99 4.66 -33.54
C MET A 345 -5.27 5.47 -33.70
N HIS A 346 -5.52 6.33 -32.71
CA HIS A 346 -6.58 7.32 -32.76
C HIS A 346 -6.17 8.50 -33.62
N PRO A 347 -7.13 9.14 -34.30
CA PRO A 347 -6.81 10.38 -35.01
C PRO A 347 -6.54 11.51 -34.03
N LYS A 348 -5.74 12.48 -34.47
CA LYS A 348 -5.40 13.61 -33.62
C LYS A 348 -6.63 14.48 -33.40
N PRO A 349 -6.95 14.85 -32.16
CA PRO A 349 -8.13 15.69 -31.92
C PRO A 349 -7.99 17.05 -32.55
N HIS A 350 -9.11 17.57 -33.07
CA HIS A 350 -9.07 18.90 -33.72
C HIS A 350 -9.89 19.85 -32.87
N ASP A 351 -10.26 19.43 -31.66
CA ASP A 351 -11.17 20.25 -30.81
C ASP A 351 -12.48 20.46 -31.58
N TYR A 391 22.01 -2.25 -12.10
CA TYR A 391 20.91 -2.84 -11.33
C TYR A 391 20.98 -4.36 -11.33
N ALA A 392 20.15 -5.00 -12.16
CA ALA A 392 20.09 -6.45 -12.27
C ALA A 392 19.86 -7.09 -10.90
N THR A 393 18.98 -6.50 -10.10
CA THR A 393 18.72 -7.01 -8.75
C THR A 393 18.06 -8.38 -8.84
N ASP A 394 18.28 -9.19 -7.80
CA ASP A 394 17.79 -10.57 -7.80
C ASP A 394 16.28 -10.64 -7.99
N ASP A 395 15.54 -9.78 -7.27
CA ASP A 395 14.08 -9.80 -7.37
C ASP A 395 13.60 -9.48 -8.77
N ASP A 396 14.34 -8.66 -9.53
CA ASP A 396 13.93 -8.35 -10.90
C ASP A 396 14.05 -9.58 -11.79
N ILE A 397 15.14 -10.35 -11.65
CA ILE A 397 15.28 -11.60 -12.39
C ILE A 397 14.19 -12.57 -12.00
N VAL A 398 13.89 -12.64 -10.69
CA VAL A 398 12.83 -13.52 -10.21
C VAL A 398 11.49 -13.14 -10.84
N PHE A 399 11.19 -11.84 -10.88
CA PHE A 399 9.93 -11.40 -11.48
C PHE A 399 9.91 -11.65 -12.98
N GLU A 400 11.04 -11.50 -13.66
CA GLU A 400 11.07 -11.81 -15.09
C GLU A 400 10.75 -13.27 -15.34
N ASP A 401 11.36 -14.17 -14.55
CA ASP A 401 11.04 -15.59 -14.67
C ASP A 401 9.58 -15.85 -14.36
N PHE A 402 9.05 -15.20 -13.32
CA PHE A 402 7.65 -15.39 -12.94
C PHE A 402 6.71 -14.94 -14.05
N ALA A 403 7.00 -13.80 -14.66
CA ALA A 403 6.16 -13.30 -15.75
C ALA A 403 6.24 -14.21 -16.96
N ARG A 404 7.43 -14.70 -17.29
CA ARG A 404 7.57 -15.62 -18.41
C ARG A 404 6.76 -16.89 -18.16
N LEU A 405 6.78 -17.39 -16.92
CA LEU A 405 5.99 -18.57 -16.58
C LEU A 405 4.49 -18.27 -16.68
N ARG A 406 4.07 -17.15 -16.11
CA ARG A 406 2.65 -16.86 -15.97
C ARG A 406 1.99 -16.56 -17.31
N LEU A 407 2.61 -15.70 -18.11
CA LEU A 407 1.98 -15.28 -19.36
C LEU A 407 1.92 -16.42 -20.38
N LYS A 408 2.81 -17.39 -20.26
CA LYS A 408 2.80 -18.56 -21.13
C LYS A 408 2.53 -19.83 -20.34
N VAL B 5 23.65 -8.89 45.94
CA VAL B 5 23.62 -7.89 44.88
C VAL B 5 24.04 -6.54 45.43
N GLN B 6 25.21 -6.07 45.00
CA GLN B 6 25.73 -4.79 45.44
C GLN B 6 26.32 -4.04 44.25
N LEU B 7 26.33 -2.72 44.34
CA LEU B 7 26.90 -1.85 43.32
C LEU B 7 28.05 -1.08 43.96
N VAL B 8 29.23 -1.70 43.97
CA VAL B 8 30.41 -1.04 44.54
C VAL B 8 31.02 -0.11 43.50
N GLU B 9 31.25 1.14 43.90
CA GLU B 9 31.81 2.14 43.00
C GLU B 9 32.92 2.89 43.72
N SER B 10 33.84 3.43 42.94
CA SER B 10 34.98 4.17 43.48
C SER B 10 35.55 5.04 42.37
N GLY B 11 36.58 5.81 42.73
CA GLY B 11 37.27 6.70 41.81
C GLY B 11 37.03 8.17 42.05
N GLY B 12 36.07 8.52 42.91
CA GLY B 12 35.81 9.92 43.19
C GLY B 12 36.88 10.55 44.06
N GLY B 13 36.85 11.87 44.12
CA GLY B 13 37.81 12.61 44.90
C GLY B 13 37.90 14.07 44.51
N LEU B 14 39.12 14.62 44.52
CA LEU B 14 39.37 16.01 44.18
C LEU B 14 40.18 16.09 42.89
N VAL B 15 39.71 16.90 41.95
CA VAL B 15 40.37 17.09 40.66
C VAL B 15 40.45 18.58 40.36
N GLN B 16 41.60 19.01 39.87
CA GLN B 16 41.78 20.40 39.48
C GLN B 16 40.81 20.74 38.34
N PRO B 17 40.28 21.97 38.30
CA PRO B 17 39.34 22.32 37.23
C PRO B 17 39.97 22.18 35.85
N GLY B 18 39.16 21.70 34.91
CA GLY B 18 39.64 21.41 33.58
C GLY B 18 40.33 20.08 33.42
N GLY B 19 40.42 19.30 34.50
CA GLY B 19 41.06 18.00 34.47
C GLY B 19 40.12 16.88 34.08
N SER B 20 40.42 15.68 34.59
CA SER B 20 39.63 14.51 34.26
C SER B 20 39.58 13.56 35.44
N LEU B 21 38.42 12.93 35.64
CA LEU B 21 38.24 11.93 36.66
C LEU B 21 37.57 10.71 36.04
N ARG B 22 37.95 9.52 36.54
CA ARG B 22 37.45 8.25 36.01
C ARG B 22 36.71 7.53 37.12
N LEU B 23 35.40 7.33 36.94
CA LEU B 23 34.58 6.60 37.90
C LEU B 23 34.37 5.17 37.42
N SER B 24 34.57 4.23 38.33
CA SER B 24 34.38 2.81 38.05
C SER B 24 33.32 2.25 38.97
N CYS B 25 32.41 1.46 38.39
CA CYS B 25 31.31 0.85 39.12
C CYS B 25 31.37 -0.66 38.93
N ALA B 26 31.63 -1.38 40.01
CA ALA B 26 31.81 -2.83 39.97
C ALA B 26 30.56 -3.49 40.52
N ALA B 27 29.84 -4.21 39.67
CA ALA B 27 28.60 -4.87 40.06
C ALA B 27 28.85 -6.32 40.45
N SER B 28 27.90 -6.89 41.18
CA SER B 28 27.94 -8.28 41.58
C SER B 28 26.53 -8.74 41.89
N GLY B 29 26.27 -10.03 41.70
CA GLY B 29 24.96 -10.59 41.94
C GLY B 29 24.04 -10.61 40.74
N PHE B 30 24.40 -9.91 39.67
CA PHE B 30 23.64 -9.93 38.43
C PHE B 30 24.60 -9.78 37.26
N ASN B 31 24.03 -9.77 36.06
CA ASN B 31 24.80 -9.80 34.83
C ASN B 31 24.67 -8.47 34.08
N VAL B 32 25.66 -8.20 33.23
CA VAL B 32 25.71 -6.93 32.52
C VAL B 32 24.82 -6.91 31.28
N TYR B 33 24.43 -8.07 30.76
CA TYR B 33 23.59 -8.14 29.58
C TYR B 33 22.09 -8.20 29.90
N SER B 34 21.73 -8.54 31.13
CA SER B 34 20.33 -8.54 31.55
C SER B 34 19.94 -7.25 32.27
N SER B 35 20.85 -6.29 32.38
CA SER B 35 20.58 -5.03 33.04
C SER B 35 21.30 -3.91 32.30
N SER B 36 20.80 -2.70 32.49
CA SER B 36 21.43 -1.48 31.99
C SER B 36 21.85 -0.63 33.18
N ILE B 37 23.07 -0.12 33.15
CA ILE B 37 23.66 0.62 34.25
C ILE B 37 23.58 2.11 33.94
N HIS B 38 23.02 2.88 34.86
CA HIS B 38 22.86 4.32 34.71
C HIS B 38 23.70 5.04 35.76
N TRP B 39 24.04 6.28 35.48
CA TRP B 39 24.72 7.15 36.42
C TRP B 39 23.85 8.36 36.70
N VAL B 40 23.62 8.63 37.99
CA VAL B 40 22.82 9.77 38.43
C VAL B 40 23.63 10.54 39.45
N ARG B 41 23.64 11.86 39.32
CA ARG B 41 24.40 12.71 40.23
C ARG B 41 23.45 13.60 41.03
N GLN B 42 23.84 13.88 42.27
CA GLN B 42 23.07 14.71 43.19
C GLN B 42 23.87 15.98 43.48
N ALA B 43 23.48 17.07 42.84
CA ALA B 43 24.15 18.33 43.09
C ALA B 43 23.99 18.72 44.56
N PRO B 44 25.04 19.27 45.20
CA PRO B 44 24.95 19.61 46.62
C PRO B 44 23.76 20.49 46.95
N GLY B 45 22.85 19.98 47.78
CA GLY B 45 21.66 20.71 48.13
C GLY B 45 20.64 20.84 47.02
N LYS B 46 20.68 19.97 46.02
CA LYS B 46 19.81 20.04 44.86
C LYS B 46 19.40 18.63 44.47
N GLY B 47 18.25 18.53 43.79
CA GLY B 47 17.69 17.24 43.44
C GLY B 47 18.56 16.44 42.49
N LEU B 48 18.15 15.19 42.28
CA LEU B 48 18.91 14.27 41.44
C LEU B 48 18.85 14.70 39.97
N GLU B 49 19.83 14.23 39.22
CA GLU B 49 19.93 14.55 37.80
C GLU B 49 20.60 13.37 37.08
N TRP B 50 20.04 12.98 35.95
CA TRP B 50 20.59 11.86 35.17
C TRP B 50 21.62 12.38 34.18
N VAL B 51 22.75 11.66 34.09
CA VAL B 51 23.88 12.09 33.29
C VAL B 51 24.22 11.11 32.16
N ALA B 52 24.12 9.81 32.42
CA ALA B 52 24.56 8.84 31.42
C ALA B 52 23.82 7.52 31.62
N SER B 53 23.85 6.68 30.59
CA SER B 53 23.25 5.36 30.61
C SER B 53 23.87 4.51 29.53
N ILE B 54 24.04 3.21 29.82
CA ILE B 54 24.64 2.27 28.89
C ILE B 54 23.81 0.99 28.88
N SER B 55 23.55 0.46 27.70
CA SER B 55 22.81 -0.78 27.52
C SER B 55 23.68 -1.77 26.75
N SER B 56 24.37 -2.64 27.49
CA SER B 56 25.33 -3.54 26.88
C SER B 56 24.68 -4.64 26.05
N TYR B 57 23.38 -4.87 26.20
CA TYR B 57 22.71 -5.87 25.38
C TYR B 57 22.50 -5.37 23.96
N TYR B 58 22.08 -4.11 23.81
CA TYR B 58 21.87 -3.52 22.49
C TYR B 58 23.09 -2.77 21.97
N GLY B 59 23.93 -2.23 22.85
CA GLY B 59 25.09 -1.48 22.45
C GLY B 59 24.91 0.02 22.40
N TYR B 60 23.81 0.54 22.93
CA TYR B 60 23.55 1.98 22.90
C TYR B 60 24.03 2.65 24.18
N THR B 61 24.45 3.90 24.03
CA THR B 61 24.81 4.75 25.15
C THR B 61 24.13 6.11 25.00
N TYR B 62 23.72 6.69 26.12
CA TYR B 62 23.03 7.97 26.12
C TYR B 62 23.69 8.88 27.13
N TYR B 63 23.63 10.20 26.84
CA TYR B 63 24.22 11.20 27.71
C TYR B 63 23.27 12.38 27.82
N ALA B 64 23.41 13.11 28.93
CA ALA B 64 22.68 14.36 29.09
C ALA B 64 23.29 15.45 28.23
N ASP B 65 22.47 16.44 27.86
CA ASP B 65 22.95 17.52 27.00
C ASP B 65 24.04 18.34 27.69
N SER B 66 24.00 18.45 29.02
CA SER B 66 24.99 19.24 29.73
C SER B 66 26.32 18.53 29.89
N VAL B 67 26.38 17.22 29.64
CA VAL B 67 27.61 16.46 29.82
C VAL B 67 27.97 15.73 28.53
N LYS B 68 27.19 15.96 27.48
CA LYS B 68 27.44 15.30 26.20
C LYS B 68 28.80 15.74 25.64
N GLY B 69 29.56 14.76 25.16
CA GLY B 69 30.89 14.99 24.61
C GLY B 69 32.00 14.99 25.64
N ARG B 70 31.74 15.59 26.81
CA ARG B 70 32.73 15.60 27.87
C ARG B 70 32.78 14.25 28.59
N PHE B 71 31.66 13.56 28.68
CA PHE B 71 31.56 12.30 29.40
C PHE B 71 31.46 11.14 28.40
N THR B 72 32.20 10.07 28.69
CA THR B 72 32.14 8.85 27.91
C THR B 72 31.93 7.67 28.85
N ILE B 73 30.92 6.86 28.58
CA ILE B 73 30.58 5.72 29.41
C ILE B 73 30.88 4.44 28.65
N SER B 74 31.45 3.46 29.35
CA SER B 74 31.76 2.16 28.77
C SER B 74 31.73 1.12 29.87
N ALA B 75 31.61 -0.14 29.47
CA ALA B 75 31.53 -1.24 30.41
C ALA B 75 32.49 -2.35 29.97
N ASP B 76 33.15 -2.96 30.94
CA ASP B 76 34.00 -4.13 30.70
C ASP B 76 33.14 -5.36 31.01
N THR B 77 32.55 -5.93 29.96
CA THR B 77 31.59 -7.02 30.14
C THR B 77 32.20 -8.26 30.77
N SER B 78 33.50 -8.50 30.59
CA SER B 78 34.12 -9.65 31.23
C SER B 78 34.27 -9.46 32.73
N LYS B 79 34.58 -8.24 33.18
CA LYS B 79 34.71 -7.95 34.59
C LYS B 79 33.40 -7.57 35.25
N ASN B 80 32.31 -7.48 34.48
CA ASN B 80 30.99 -7.09 35.01
C ASN B 80 31.04 -5.73 35.69
N THR B 81 31.81 -4.81 35.12
CA THR B 81 31.96 -3.46 35.66
C THR B 81 31.60 -2.44 34.60
N ALA B 82 31.33 -1.21 35.06
CA ALA B 82 31.07 -0.09 34.18
C ALA B 82 32.00 1.05 34.53
N TYR B 83 32.37 1.83 33.51
CA TYR B 83 33.31 2.93 33.68
C TYR B 83 32.71 4.21 33.14
N LEU B 84 32.92 5.31 33.87
CA LEU B 84 32.52 6.64 33.43
C LEU B 84 33.76 7.52 33.39
N GLN B 85 34.13 7.94 32.19
CA GLN B 85 35.28 8.82 32.00
C GLN B 85 34.76 10.25 31.82
N MET B 86 35.14 11.13 32.75
CA MET B 86 34.71 12.53 32.73
C MET B 86 35.91 13.39 32.33
N ASN B 87 35.74 14.16 31.26
CA ASN B 87 36.81 14.99 30.71
C ASN B 87 36.42 16.46 30.80
N SER B 88 37.41 17.30 31.10
CA SER B 88 37.22 18.75 31.21
C SER B 88 36.15 19.08 32.25
N LEU B 89 36.44 18.71 33.49
CA LEU B 89 35.49 18.91 34.58
C LEU B 89 35.32 20.40 34.86
N ARG B 90 34.15 20.93 34.53
CA ARG B 90 33.85 22.33 34.76
C ARG B 90 33.47 22.56 36.23
N ALA B 91 33.14 23.81 36.55
CA ALA B 91 32.85 24.18 37.92
C ALA B 91 31.55 23.55 38.42
N GLU B 92 30.59 23.32 37.52
CA GLU B 92 29.26 22.86 37.93
C GLU B 92 29.16 21.35 38.00
N ASP B 93 30.25 20.61 37.77
CA ASP B 93 30.20 19.16 37.77
C ASP B 93 30.32 18.55 39.16
N THR B 94 30.52 19.35 40.19
CA THR B 94 30.64 18.79 41.54
C THR B 94 29.29 18.27 42.02
N ALA B 95 29.28 17.03 42.50
CA ALA B 95 28.07 16.35 42.96
C ALA B 95 28.48 15.04 43.61
N VAL B 96 27.47 14.25 43.98
CA VAL B 96 27.67 12.88 44.42
C VAL B 96 27.09 11.95 43.37
N TYR B 97 27.92 11.11 42.77
CA TYR B 97 27.54 10.31 41.62
C TYR B 97 27.16 8.91 42.06
N TYR B 98 25.92 8.51 41.77
CA TYR B 98 25.38 7.22 42.14
C TYR B 98 25.39 6.29 40.94
N CYS B 99 25.88 5.06 41.15
CA CYS B 99 25.74 4.02 40.14
C CYS B 99 24.43 3.28 40.35
N ALA B 100 23.57 3.29 39.34
CA ALA B 100 22.25 2.68 39.45
C ALA B 100 22.11 1.58 38.40
N ARG B 101 21.29 0.59 38.72
CA ARG B 101 21.04 -0.55 37.84
C ARG B 101 19.54 -0.71 37.63
N SER B 102 19.15 -0.88 36.37
CA SER B 102 17.75 -1.06 36.03
C SER B 102 17.62 -2.26 35.10
N ARG B 103 16.48 -2.95 35.21
CA ARG B 103 16.26 -4.16 34.43
C ARG B 103 16.24 -3.86 32.95
N GLN B 104 16.75 -4.81 32.16
CA GLN B 104 16.74 -4.65 30.71
C GLN B 104 15.42 -5.09 30.09
N PHE B 105 14.80 -6.14 30.63
CA PHE B 105 13.54 -6.68 30.11
C PHE B 105 12.57 -6.81 31.28
N TRP B 106 11.83 -5.76 31.59
CA TRP B 106 12.00 -4.45 30.96
C TRP B 106 12.18 -3.39 32.04
N TYR B 107 12.41 -2.14 31.64
CA TYR B 107 12.69 -1.08 32.58
C TYR B 107 11.56 -0.92 33.59
N SER B 108 11.90 -1.00 34.87
CA SER B 108 10.93 -0.85 35.95
C SER B 108 11.51 -0.02 37.08
N GLY B 109 12.24 1.03 36.73
CA GLY B 109 12.86 1.88 37.72
C GLY B 109 14.25 1.41 38.12
N LEU B 110 14.97 2.30 38.79
CA LEU B 110 16.32 2.03 39.27
C LEU B 110 16.24 1.35 40.63
N ASP B 111 16.04 0.03 40.61
CA ASP B 111 15.77 -0.70 41.84
C ASP B 111 17.01 -0.96 42.68
N TYR B 112 18.21 -0.82 42.11
CA TYR B 112 19.45 -0.99 42.87
C TYR B 112 20.36 0.20 42.65
N TRP B 113 20.95 0.70 43.73
CA TRP B 113 21.80 1.88 43.71
C TRP B 113 23.13 1.56 44.35
N GLY B 114 24.13 2.38 44.05
CA GLY B 114 25.43 2.25 44.66
C GLY B 114 25.47 2.88 46.04
N GLN B 115 26.53 3.63 46.33
CA GLN B 115 26.61 4.33 47.60
C GLN B 115 27.10 5.76 47.49
N GLY B 116 27.45 6.23 46.29
CA GLY B 116 27.80 7.63 46.11
C GLY B 116 29.24 7.98 46.33
N THR B 117 29.87 8.59 45.34
CA THR B 117 31.24 9.07 45.44
C THR B 117 31.28 10.57 45.18
N LEU B 118 31.88 11.31 46.11
CA LEU B 118 31.92 12.76 46.01
C LEU B 118 32.95 13.20 44.98
N VAL B 119 32.55 14.14 44.12
CA VAL B 119 33.42 14.71 43.11
C VAL B 119 33.47 16.22 43.33
N THR B 120 34.69 16.77 43.39
CA THR B 120 34.89 18.19 43.61
C THR B 120 35.84 18.74 42.56
N VAL B 121 35.63 20.01 42.21
CA VAL B 121 36.48 20.68 41.23
C VAL B 121 37.02 21.99 41.81
N SER C 1 11.09 18.23 23.34
CA SER C 1 11.92 18.83 24.38
C SER C 1 11.95 17.94 25.62
N ASP C 2 12.81 18.29 26.58
CA ASP C 2 12.90 17.56 27.82
C ASP C 2 11.63 17.75 28.63
N ILE C 3 11.06 16.65 29.13
CA ILE C 3 9.80 16.70 29.86
C ILE C 3 10.10 17.09 31.30
N GLN C 4 9.81 18.33 31.66
CA GLN C 4 9.99 18.79 33.03
C GLN C 4 8.89 18.19 33.91
N MET C 5 9.28 17.79 35.11
CA MET C 5 8.37 17.14 36.05
C MET C 5 8.26 18.00 37.30
N THR C 6 7.09 18.60 37.51
CA THR C 6 6.86 19.53 38.62
C THR C 6 6.29 18.75 39.80
N GLN C 7 6.96 18.84 40.95
CA GLN C 7 6.60 18.08 42.14
C GLN C 7 6.31 19.05 43.27
N SER C 8 5.07 19.03 43.76
CA SER C 8 4.63 19.92 44.83
C SER C 8 3.73 19.14 45.76
N PRO C 9 3.69 19.50 47.06
CA PRO C 9 4.41 20.60 47.71
C PRO C 9 5.90 20.31 47.93
N SER C 10 6.70 21.38 47.98
CA SER C 10 8.14 21.21 48.15
C SER C 10 8.53 20.82 49.56
N SER C 11 7.88 21.40 50.57
CA SER C 11 8.20 21.12 51.95
C SER C 11 6.92 21.11 52.77
N LEU C 12 6.87 20.21 53.76
CA LEU C 12 5.67 20.04 54.56
C LEU C 12 6.06 19.44 55.91
N SER C 13 5.13 19.54 56.85
CA SER C 13 5.27 18.94 58.18
C SER C 13 4.08 18.04 58.45
N ALA C 14 4.32 16.95 59.18
CA ALA C 14 3.27 15.98 59.46
C ALA C 14 3.38 15.45 60.87
N SER C 15 2.64 14.38 61.18
CA SER C 15 2.67 13.75 62.48
C SER C 15 2.46 12.25 62.32
N VAL C 16 2.91 11.50 63.32
CA VAL C 16 2.73 10.04 63.29
C VAL C 16 1.25 9.71 63.38
N GLY C 17 0.75 8.97 62.40
CA GLY C 17 -0.67 8.67 62.30
C GLY C 17 -1.43 9.56 61.34
N ASP C 18 -0.75 10.50 60.69
CA ASP C 18 -1.38 11.40 59.73
C ASP C 18 -1.19 10.86 58.30
N ARG C 19 -1.94 11.44 57.37
CA ARG C 19 -1.80 11.12 55.96
C ARG C 19 -0.99 12.19 55.25
N VAL C 20 -0.20 11.76 54.26
CA VAL C 20 0.62 12.65 53.45
C VAL C 20 0.40 12.30 51.99
N THR C 21 0.14 13.32 51.18
CA THR C 21 -0.09 13.13 49.75
C THR C 21 0.78 14.11 48.98
N ILE C 22 1.63 13.59 48.10
CA ILE C 22 2.56 14.39 47.32
C ILE C 22 2.15 14.30 45.85
N THR C 23 1.93 15.46 45.23
CA THR C 23 1.51 15.53 43.84
C THR C 23 2.74 15.61 42.94
N CYS C 24 2.52 15.39 41.65
CA CYS C 24 3.62 15.41 40.67
C CYS C 24 3.02 15.72 39.31
N ARG C 25 3.29 16.91 38.79
CA ARG C 25 2.71 17.38 37.54
C ARG C 25 3.68 17.11 36.39
N ALA C 26 3.24 16.35 35.40
CA ALA C 26 4.04 16.11 34.21
C ALA C 26 3.72 17.15 33.15
N SER C 27 4.76 17.75 32.57
CA SER C 27 4.57 18.77 31.55
C SER C 27 4.09 18.21 30.22
N GLN C 28 4.19 16.90 30.01
CA GLN C 28 3.72 16.28 28.78
C GLN C 28 3.00 14.99 29.14
N SER C 29 2.04 14.60 28.31
CA SER C 29 1.15 13.48 28.59
C SER C 29 1.91 12.17 28.44
N VAL C 30 2.71 11.84 29.46
CA VAL C 30 3.36 10.54 29.50
C VAL C 30 2.38 9.48 29.96
N SER C 31 2.77 8.22 29.80
CA SER C 31 1.96 7.11 30.27
C SER C 31 2.15 6.92 31.77
N SER C 32 1.72 5.77 32.30
CA SER C 32 1.88 5.49 33.72
C SER C 32 3.34 5.24 34.08
N ALA C 33 4.24 5.47 33.14
CA ALA C 33 5.68 5.26 33.35
C ALA C 33 6.26 6.35 34.25
N VAL C 34 5.93 6.26 35.54
CA VAL C 34 6.44 7.16 36.56
C VAL C 34 6.80 6.35 37.79
N ALA C 35 7.97 6.61 38.35
CA ALA C 35 8.46 5.89 39.52
C ALA C 35 8.73 6.86 40.66
N TRP C 36 8.55 6.38 41.88
CA TRP C 36 8.73 7.18 43.08
C TRP C 36 9.89 6.62 43.90
N TYR C 37 10.78 7.50 44.33
CA TYR C 37 11.96 7.13 45.10
C TYR C 37 11.97 7.84 46.43
N GLN C 38 12.66 7.24 47.40
CA GLN C 38 12.85 7.84 48.71
C GLN C 38 14.33 7.89 49.04
N GLN C 39 14.77 9.00 49.60
CA GLN C 39 16.17 9.18 49.97
C GLN C 39 16.25 9.82 51.34
N LYS C 40 16.79 9.09 52.31
CA LYS C 40 17.06 9.67 53.61
C LYS C 40 18.32 10.54 53.55
N PRO C 41 18.47 11.49 54.46
CA PRO C 41 19.68 12.32 54.45
C PRO C 41 20.93 11.51 54.74
N GLY C 42 21.80 11.43 53.72
CA GLY C 42 23.06 10.73 53.81
C GLY C 42 23.10 9.40 53.08
N LYS C 43 21.95 8.83 52.77
CA LYS C 43 21.90 7.54 52.10
C LYS C 43 21.57 7.71 50.62
N ALA C 44 21.64 6.60 49.90
CA ALA C 44 21.24 6.55 48.50
C ALA C 44 19.73 6.43 48.37
N PRO C 45 19.15 6.84 47.24
CA PRO C 45 17.70 6.71 47.06
C PRO C 45 17.23 5.27 47.11
N LYS C 46 15.91 5.07 47.11
CA LYS C 46 15.33 3.75 47.25
C LYS C 46 14.01 3.69 46.50
N LEU C 47 13.88 2.73 45.60
CA LEU C 47 12.68 2.62 44.80
C LEU C 47 11.50 2.20 45.66
N LEU C 48 10.37 2.90 45.50
CA LEU C 48 9.13 2.60 46.21
C LEU C 48 8.01 2.18 45.27
N ILE C 49 7.73 3.00 44.26
CA ILE C 49 6.64 2.77 43.32
C ILE C 49 7.20 2.71 41.92
N TYR C 50 6.68 1.79 41.11
CA TYR C 50 6.99 1.77 39.69
C TYR C 50 5.70 1.56 38.92
N SER C 51 5.67 2.06 37.68
CA SER C 51 4.46 2.11 36.86
C SER C 51 3.38 2.95 37.53
N ALA C 52 3.80 3.78 38.48
CA ALA C 52 2.98 4.82 39.11
C ALA C 52 1.93 4.24 40.05
N SER C 53 1.75 2.92 40.06
CA SER C 53 0.83 2.28 40.97
C SER C 53 1.35 1.01 41.61
N SER C 54 2.30 0.31 40.99
CA SER C 54 2.77 -0.97 41.51
C SER C 54 3.73 -0.73 42.68
N LEU C 55 3.53 -1.47 43.75
CA LEU C 55 4.37 -1.33 44.93
C LEU C 55 5.58 -2.24 44.82
N TYR C 56 6.76 -1.68 45.12
CA TYR C 56 7.99 -2.43 45.07
C TYR C 56 8.05 -3.45 46.20
N SER C 57 8.65 -4.60 45.92
CA SER C 57 8.74 -5.67 46.90
C SER C 57 9.54 -5.24 48.12
N GLY C 58 9.01 -5.52 49.30
CA GLY C 58 9.64 -5.13 50.54
C GLY C 58 9.23 -3.78 51.07
N VAL C 59 8.51 -2.98 50.29
CA VAL C 59 8.03 -1.68 50.75
C VAL C 59 6.74 -1.90 51.54
N PRO C 60 6.61 -1.29 52.73
CA PRO C 60 5.38 -1.46 53.51
C PRO C 60 4.15 -0.96 52.76
N SER C 61 3.02 -1.62 53.04
CA SER C 61 1.81 -1.38 52.26
C SER C 61 1.23 0.01 52.46
N ARG C 62 1.71 0.76 53.44
CA ARG C 62 1.18 2.11 53.66
C ARG C 62 1.50 3.05 52.50
N PHE C 63 2.53 2.75 51.70
CA PHE C 63 2.87 3.54 50.54
C PHE C 63 1.99 3.12 49.37
N SER C 64 1.36 4.10 48.72
CA SER C 64 0.47 3.82 47.59
C SER C 64 0.51 4.99 46.62
N GLY C 65 0.73 4.69 45.34
CA GLY C 65 0.72 5.69 44.30
C GLY C 65 -0.59 5.71 43.53
N SER C 66 -0.70 6.69 42.64
CA SER C 66 -1.91 6.86 41.85
C SER C 66 -1.59 7.69 40.62
N ARG C 67 -2.49 7.64 39.65
CA ARG C 67 -2.40 8.44 38.43
C ARG C 67 -3.76 9.04 38.11
N SER C 68 -3.75 10.31 37.70
CA SER C 68 -4.98 10.99 37.28
C SER C 68 -4.61 11.89 36.11
N GLY C 69 -4.80 11.38 34.89
CA GLY C 69 -4.37 12.09 33.71
C GLY C 69 -2.86 12.18 33.66
N THR C 70 -2.31 13.37 33.87
CA THR C 70 -0.87 13.57 34.02
C THR C 70 -0.49 13.87 35.46
N ASP C 71 -1.43 13.78 36.39
CA ASP C 71 -1.16 14.01 37.81
C ASP C 71 -0.83 12.67 38.48
N PHE C 72 0.37 12.58 39.04
CA PHE C 72 0.82 11.41 39.76
C PHE C 72 0.97 11.75 41.24
N THR C 73 0.35 10.93 42.09
CA THR C 73 0.27 11.24 43.51
C THR C 73 0.77 10.07 44.32
N LEU C 74 1.60 10.36 45.33
CA LEU C 74 2.06 9.37 46.29
C LEU C 74 1.32 9.59 47.60
N THR C 75 0.69 8.54 48.12
CA THR C 75 -0.13 8.63 49.31
C THR C 75 0.38 7.67 50.37
N ILE C 76 0.43 8.13 51.61
CA ILE C 76 0.80 7.31 52.77
C ILE C 76 -0.42 7.21 53.66
N SER C 77 -0.88 5.98 53.92
CA SER C 77 -2.10 5.77 54.68
C SER C 77 -1.93 6.13 56.15
N SER C 78 -0.83 5.70 56.76
CA SER C 78 -0.59 5.98 58.18
C SER C 78 0.91 6.20 58.36
N LEU C 79 1.30 7.45 58.56
CA LEU C 79 2.71 7.80 58.61
C LEU C 79 3.38 7.18 59.83
N GLN C 80 4.52 6.55 59.61
CA GLN C 80 5.36 5.96 60.64
C GLN C 80 6.64 6.76 60.79
N PRO C 81 7.31 6.67 61.94
CA PRO C 81 8.53 7.46 62.15
C PRO C 81 9.68 7.12 61.21
N GLU C 82 9.53 6.11 60.35
CA GLU C 82 10.56 5.77 59.39
C GLU C 82 10.37 6.49 58.05
N ASP C 83 9.31 7.27 57.90
CA ASP C 83 8.97 7.87 56.62
C ASP C 83 9.46 9.30 56.46
N PHE C 84 10.29 9.80 57.38
CA PHE C 84 10.76 11.18 57.32
C PHE C 84 12.01 11.24 56.44
N ALA C 85 11.82 11.59 55.17
CA ALA C 85 12.90 11.65 54.21
C ALA C 85 12.45 12.49 53.02
N THR C 86 13.23 12.44 51.95
CA THR C 86 12.94 13.19 50.73
C THR C 86 12.47 12.22 49.65
N TYR C 87 11.38 12.57 48.98
CA TYR C 87 10.75 11.72 47.98
C TYR C 87 10.85 12.37 46.60
N TYR C 88 11.23 11.58 45.60
CA TYR C 88 11.45 12.05 44.25
C TYR C 88 10.48 11.38 43.29
N CYS C 89 10.02 12.15 42.30
CA CYS C 89 9.10 11.69 41.28
C CYS C 89 9.84 11.67 39.95
N GLN C 90 10.03 10.48 39.38
CA GLN C 90 10.81 10.31 38.16
C GLN C 90 9.94 9.73 37.06
N GLN C 91 10.06 10.29 35.86
CA GLN C 91 9.42 9.73 34.69
C GLN C 91 10.46 9.04 33.81
N TYR C 92 10.10 7.86 33.29
CA TYR C 92 11.03 7.12 32.45
C TYR C 92 10.40 6.70 31.13
N LYS C 93 9.36 7.40 30.66
CA LYS C 93 8.77 7.09 29.37
C LYS C 93 9.63 7.59 28.22
N TYR C 94 10.26 8.75 28.39
CA TYR C 94 11.08 9.36 27.35
C TYR C 94 12.47 9.67 27.89
N VAL C 95 13.48 9.36 27.08
CA VAL C 95 14.86 9.75 27.37
C VAL C 95 15.02 11.22 27.01
N PRO C 96 15.66 12.04 27.85
CA PRO C 96 16.25 11.72 29.16
C PRO C 96 15.21 11.57 30.28
N VAL C 97 15.51 10.72 31.25
CA VAL C 97 14.66 10.60 32.43
C VAL C 97 14.86 11.81 33.31
N THR C 98 13.77 12.36 33.84
CA THR C 98 13.80 13.59 34.61
C THR C 98 13.22 13.34 36.00
N PHE C 99 13.86 13.92 37.00
CA PHE C 99 13.47 13.79 38.39
C PHE C 99 12.76 15.05 38.85
N GLY C 100 11.86 14.90 39.82
CA GLY C 100 11.24 16.05 40.44
C GLY C 100 12.21 16.78 41.35
N GLN C 101 11.83 18.00 41.72
CA GLN C 101 12.71 18.83 42.55
C GLN C 101 12.77 18.35 44.00
N GLY C 102 11.91 17.41 44.41
CA GLY C 102 12.00 16.84 45.74
C GLY C 102 11.02 17.37 46.75
N THR C 103 10.59 16.51 47.67
CA THR C 103 9.68 16.87 48.75
C THR C 103 10.14 16.18 50.02
N LYS C 104 10.30 16.94 51.09
CA LYS C 104 10.75 16.39 52.36
C LYS C 104 9.62 16.37 53.38
N VAL C 105 9.34 15.19 53.92
CA VAL C 105 8.35 15.02 54.99
C VAL C 105 9.06 15.20 56.32
N GLU C 106 8.50 16.05 57.18
CA GLU C 106 9.10 16.37 58.46
C GLU C 106 8.07 16.26 59.57
N ILE C 107 8.56 16.17 60.80
CA ILE C 107 7.72 16.05 61.98
C ILE C 107 6.84 17.30 62.13
N VAL D 5 -23.98 9.39 -45.53
CA VAL D 5 -24.29 8.89 -44.20
C VAL D 5 -25.78 9.04 -43.93
N GLN D 6 -26.48 7.92 -43.74
CA GLN D 6 -27.91 7.92 -43.51
C GLN D 6 -28.25 6.93 -42.40
N LEU D 7 -29.37 7.19 -41.72
CA LEU D 7 -29.84 6.32 -40.66
C LEU D 7 -31.28 5.90 -40.93
N VAL D 8 -31.56 5.47 -42.17
CA VAL D 8 -32.91 5.08 -42.54
C VAL D 8 -33.41 3.96 -41.64
N GLU D 9 -34.62 4.13 -41.11
CA GLU D 9 -35.22 3.17 -40.20
C GLU D 9 -36.62 2.82 -40.69
N SER D 10 -37.11 1.66 -40.22
CA SER D 10 -38.44 1.18 -40.61
C SER D 10 -38.92 0.23 -39.53
N GLY D 11 -40.23 -0.07 -39.58
CA GLY D 11 -40.86 -1.00 -38.66
C GLY D 11 -41.99 -0.40 -37.86
N GLY D 12 -42.14 0.92 -37.86
CA GLY D 12 -43.20 1.53 -37.07
C GLY D 12 -44.58 1.27 -37.65
N GLY D 13 -45.59 1.50 -36.81
CA GLY D 13 -46.96 1.29 -37.22
C GLY D 13 -47.92 1.20 -36.05
N LEU D 14 -49.01 0.45 -36.22
CA LEU D 14 -50.03 0.28 -35.19
C LEU D 14 -49.96 -1.13 -34.64
N VAL D 15 -49.95 -1.25 -33.31
CA VAL D 15 -49.88 -2.53 -32.63
C VAL D 15 -50.92 -2.56 -31.51
N GLN D 16 -51.61 -3.69 -31.39
CA GLN D 16 -52.56 -3.87 -30.32
C GLN D 16 -51.85 -3.82 -28.97
N PRO D 17 -52.49 -3.27 -27.93
CA PRO D 17 -51.82 -3.17 -26.64
C PRO D 17 -51.42 -4.52 -26.10
N GLY D 18 -50.24 -4.58 -25.48
CA GLY D 18 -49.68 -5.83 -25.02
C GLY D 18 -48.96 -6.62 -26.09
N GLY D 19 -48.91 -6.13 -27.33
CA GLY D 19 -48.27 -6.84 -28.42
C GLY D 19 -46.79 -6.58 -28.50
N SER D 20 -46.26 -6.61 -29.72
CA SER D 20 -44.83 -6.44 -29.93
C SER D 20 -44.59 -5.79 -31.29
N LEU D 21 -43.63 -4.87 -31.32
CA LEU D 21 -43.18 -4.25 -32.55
C LEU D 21 -41.67 -4.23 -32.57
N ARG D 22 -41.08 -4.47 -33.74
CA ARG D 22 -39.63 -4.53 -33.91
C ARG D 22 -39.20 -3.44 -34.89
N LEU D 23 -38.36 -2.52 -34.40
CA LEU D 23 -37.82 -1.45 -35.24
C LEU D 23 -36.42 -1.82 -35.71
N SER D 24 -36.15 -1.58 -36.99
CA SER D 24 -34.84 -1.82 -37.57
C SER D 24 -34.25 -0.51 -38.08
N CYS D 25 -32.97 -0.31 -37.81
CA CYS D 25 -32.26 0.90 -38.21
C CYS D 25 -31.06 0.51 -39.05
N ALA D 26 -31.12 0.81 -40.34
CA ALA D 26 -30.10 0.40 -41.30
C ALA D 26 -29.17 1.58 -41.56
N ALA D 27 -27.97 1.52 -41.02
CA ALA D 27 -27.00 2.60 -41.18
C ALA D 27 -26.21 2.42 -42.47
N SER D 28 -25.57 3.52 -42.89
CA SER D 28 -24.73 3.51 -44.08
C SER D 28 -23.80 4.71 -44.01
N GLY D 29 -22.61 4.57 -44.59
CA GLY D 29 -21.62 5.62 -44.57
C GLY D 29 -20.66 5.57 -43.40
N PHE D 30 -20.95 4.77 -42.38
CA PHE D 30 -20.05 4.58 -41.26
C PHE D 30 -20.15 3.14 -40.79
N ASN D 31 -19.37 2.82 -39.77
CA ASN D 31 -19.23 1.44 -39.30
C ASN D 31 -19.85 1.28 -37.91
N VAL D 32 -20.21 0.03 -37.59
CA VAL D 32 -20.91 -0.26 -36.34
C VAL D 32 -19.96 -0.36 -35.15
N TYR D 33 -18.66 -0.56 -35.39
CA TYR D 33 -17.69 -0.68 -34.31
C TYR D 33 -17.03 0.63 -33.94
N SER D 34 -17.11 1.65 -34.80
CA SER D 34 -16.59 2.97 -34.49
C SER D 34 -17.66 3.93 -34.00
N SER D 35 -18.90 3.46 -33.85
CA SER D 35 -20.01 4.28 -33.38
C SER D 35 -20.92 3.45 -32.49
N SER D 36 -21.65 4.14 -31.63
CA SER D 36 -22.68 3.52 -30.81
C SER D 36 -24.04 4.09 -31.21
N ILE D 37 -25.01 3.21 -31.42
CA ILE D 37 -26.33 3.58 -31.91
C ILE D 37 -27.29 3.67 -30.74
N HIS D 38 -27.97 4.80 -30.63
CA HIS D 38 -28.93 5.05 -29.56
C HIS D 38 -30.32 5.18 -30.15
N TRP D 39 -31.33 4.96 -29.32
CA TRP D 39 -32.72 5.17 -29.68
C TRP D 39 -33.31 6.22 -28.74
N VAL D 40 -33.97 7.20 -29.33
CA VAL D 40 -34.62 8.28 -28.59
C VAL D 40 -36.04 8.42 -29.11
N ARG D 41 -37.00 8.54 -28.20
CA ARG D 41 -38.40 8.67 -28.57
C ARG D 41 -38.93 10.03 -28.16
N GLN D 42 -39.84 10.56 -28.96
CA GLN D 42 -40.47 11.86 -28.72
C GLN D 42 -41.95 11.63 -28.45
N ALA D 43 -42.33 11.69 -27.18
CA ALA D 43 -43.74 11.52 -26.83
C ALA D 43 -44.56 12.64 -27.46
N PRO D 44 -45.77 12.33 -27.97
CA PRO D 44 -46.58 13.37 -28.63
C PRO D 44 -46.80 14.60 -27.76
N GLY D 45 -46.32 15.75 -28.23
CA GLY D 45 -46.42 16.98 -27.47
C GLY D 45 -45.50 17.07 -26.27
N LYS D 46 -44.43 16.28 -26.25
CA LYS D 46 -43.50 16.25 -25.13
C LYS D 46 -42.07 16.20 -25.66
N GLY D 47 -41.13 16.61 -24.82
CA GLY D 47 -39.74 16.61 -25.20
C GLY D 47 -39.19 15.21 -25.39
N LEU D 48 -37.94 15.16 -25.84
CA LEU D 48 -37.30 13.89 -26.17
C LEU D 48 -37.03 13.09 -24.91
N GLU D 49 -36.85 11.78 -25.09
CA GLU D 49 -36.57 10.85 -24.00
C GLU D 49 -35.71 9.72 -24.51
N TRP D 50 -34.67 9.36 -23.76
CA TRP D 50 -33.79 8.29 -24.14
C TRP D 50 -34.33 6.95 -23.64
N VAL D 51 -34.21 5.92 -24.48
CA VAL D 51 -34.79 4.61 -24.15
C VAL D 51 -33.74 3.51 -24.14
N ALA D 52 -32.84 3.49 -25.13
CA ALA D 52 -31.90 2.39 -25.26
C ALA D 52 -30.62 2.87 -25.93
N SER D 53 -29.56 2.07 -25.77
CA SER D 53 -28.28 2.34 -26.38
C SER D 53 -27.48 1.04 -26.47
N ILE D 54 -26.68 0.91 -27.51
CA ILE D 54 -25.87 -0.28 -27.75
C ILE D 54 -24.48 0.15 -28.19
N SER D 55 -23.46 -0.49 -27.64
CA SER D 55 -22.06 -0.22 -27.97
C SER D 55 -21.42 -1.52 -28.46
N SER D 56 -21.43 -1.72 -29.78
CA SER D 56 -20.96 -2.97 -30.35
C SER D 56 -19.46 -3.17 -30.22
N TYR D 57 -18.70 -2.12 -29.93
CA TYR D 57 -17.26 -2.29 -29.74
C TYR D 57 -16.95 -2.94 -28.40
N TYR D 58 -17.64 -2.51 -27.34
CA TYR D 58 -17.44 -3.08 -26.01
C TYR D 58 -18.41 -4.22 -25.69
N GLY D 59 -19.58 -4.23 -26.32
CA GLY D 59 -20.57 -5.26 -26.05
C GLY D 59 -21.57 -4.92 -24.98
N TYR D 60 -21.70 -3.65 -24.60
CA TYR D 60 -22.61 -3.24 -23.55
C TYR D 60 -23.91 -2.70 -24.16
N THR D 61 -25.00 -2.92 -23.43
CA THR D 61 -26.30 -2.36 -23.78
C THR D 61 -26.91 -1.72 -22.55
N TYR D 62 -27.63 -0.62 -22.76
CA TYR D 62 -28.25 0.12 -21.69
C TYR D 62 -29.71 0.39 -22.03
N TYR D 63 -30.54 0.46 -20.99
CA TYR D 63 -31.97 0.71 -21.17
C TYR D 63 -32.45 1.68 -20.11
N ALA D 64 -33.53 2.39 -20.43
CA ALA D 64 -34.18 3.25 -19.46
C ALA D 64 -34.98 2.41 -18.47
N ASP D 65 -35.16 2.97 -17.26
CA ASP D 65 -35.88 2.25 -16.22
C ASP D 65 -37.33 1.98 -16.58
N SER D 66 -37.94 2.84 -17.40
CA SER D 66 -39.33 2.66 -17.79
C SER D 66 -39.52 1.64 -18.90
N VAL D 67 -38.44 1.21 -19.55
CA VAL D 67 -38.55 0.27 -20.67
C VAL D 67 -37.64 -0.93 -20.42
N LYS D 68 -36.98 -0.96 -19.27
CA LYS D 68 -36.08 -2.07 -18.94
C LYS D 68 -36.85 -3.38 -18.85
N GLY D 69 -36.30 -4.42 -19.48
CA GLY D 69 -36.92 -5.73 -19.51
C GLY D 69 -37.90 -5.94 -20.65
N ARG D 70 -38.71 -4.91 -20.94
CA ARG D 70 -39.64 -4.99 -22.06
C ARG D 70 -38.93 -4.80 -23.39
N PHE D 71 -37.89 -3.97 -23.41
CA PHE D 71 -37.18 -3.62 -24.63
C PHE D 71 -35.84 -4.34 -24.68
N THR D 72 -35.52 -4.93 -25.83
CA THR D 72 -34.23 -5.56 -26.05
C THR D 72 -33.63 -5.01 -27.33
N ILE D 73 -32.39 -4.53 -27.25
CA ILE D 73 -31.69 -3.93 -28.38
C ILE D 73 -30.55 -4.84 -28.80
N SER D 74 -30.38 -4.99 -30.12
CA SER D 74 -29.30 -5.79 -30.67
C SER D 74 -28.94 -5.24 -32.04
N ALA D 75 -27.75 -5.61 -32.50
CA ALA D 75 -27.27 -5.14 -33.79
C ALA D 75 -26.71 -6.31 -34.58
N ASP D 76 -26.93 -6.29 -35.89
CA ASP D 76 -26.37 -7.26 -36.81
C ASP D 76 -25.14 -6.61 -37.44
N THR D 77 -23.96 -6.89 -36.88
CA THR D 77 -22.73 -6.23 -37.29
C THR D 77 -22.36 -6.52 -38.74
N SER D 78 -22.78 -7.65 -39.30
CA SER D 78 -22.48 -7.94 -40.70
C SER D 78 -23.34 -7.11 -41.64
N LYS D 79 -24.58 -6.81 -41.27
CA LYS D 79 -25.46 -5.99 -42.08
C LYS D 79 -25.38 -4.51 -41.73
N ASN D 80 -24.59 -4.14 -40.72
CA ASN D 80 -24.46 -2.75 -40.27
C ASN D 80 -25.82 -2.16 -39.90
N THR D 81 -26.65 -2.95 -39.25
CA THR D 81 -27.98 -2.54 -38.83
C THR D 81 -28.15 -2.78 -37.34
N ALA D 82 -29.09 -2.04 -36.74
CA ALA D 82 -29.46 -2.21 -35.35
C ALA D 82 -30.95 -2.51 -35.25
N TYR D 83 -31.32 -3.34 -34.29
CA TYR D 83 -32.69 -3.77 -34.11
C TYR D 83 -33.15 -3.45 -32.69
N LEU D 84 -34.36 -2.93 -32.56
CA LEU D 84 -34.98 -2.70 -31.27
C LEU D 84 -36.25 -3.56 -31.20
N GLN D 85 -36.23 -4.54 -30.29
CA GLN D 85 -37.38 -5.43 -30.09
C GLN D 85 -38.16 -4.94 -28.89
N MET D 86 -39.43 -4.61 -29.10
CA MET D 86 -40.31 -4.11 -28.06
C MET D 86 -41.32 -5.19 -27.71
N ASN D 87 -41.44 -5.50 -26.43
CA ASN D 87 -42.36 -6.51 -25.93
C ASN D 87 -43.35 -5.88 -24.95
N SER D 88 -44.61 -6.26 -25.06
CA SER D 88 -45.68 -5.79 -24.18
C SER D 88 -45.78 -4.27 -24.21
N LEU D 89 -46.14 -3.75 -25.38
CA LEU D 89 -46.30 -2.31 -25.56
C LEU D 89 -47.48 -1.80 -24.74
N ARG D 90 -47.19 -0.96 -23.75
CA ARG D 90 -48.22 -0.39 -22.91
C ARG D 90 -48.81 0.87 -23.56
N ALA D 91 -49.74 1.50 -22.86
CA ALA D 91 -50.43 2.66 -23.41
C ALA D 91 -49.49 3.86 -23.56
N GLU D 92 -48.48 3.97 -22.71
CA GLU D 92 -47.62 5.15 -22.69
C GLU D 92 -46.44 5.03 -23.65
N ASP D 93 -46.33 3.94 -24.41
CA ASP D 93 -45.19 3.75 -25.28
C ASP D 93 -45.34 4.43 -26.64
N THR D 94 -46.49 5.06 -26.92
CA THR D 94 -46.67 5.71 -28.20
C THR D 94 -45.81 6.96 -28.29
N ALA D 95 -45.06 7.07 -29.39
CA ALA D 95 -44.13 8.18 -29.62
C ALA D 95 -43.60 8.05 -31.04
N VAL D 96 -42.65 8.93 -31.36
CA VAL D 96 -41.88 8.84 -32.61
C VAL D 96 -40.45 8.47 -32.24
N TYR D 97 -39.98 7.33 -32.72
CA TYR D 97 -38.70 6.77 -32.31
C TYR D 97 -37.62 7.13 -33.31
N TYR D 98 -36.58 7.81 -32.83
CA TYR D 98 -35.48 8.28 -33.67
C TYR D 98 -34.28 7.36 -33.48
N CYS D 99 -33.68 6.92 -34.57
CA CYS D 99 -32.40 6.23 -34.50
C CYS D 99 -31.26 7.25 -34.58
N ALA D 100 -30.42 7.27 -33.55
CA ALA D 100 -29.34 8.24 -33.46
C ALA D 100 -28.01 7.52 -33.41
N ARG D 101 -26.96 8.22 -33.87
CA ARG D 101 -25.62 7.67 -33.90
C ARG D 101 -24.66 8.65 -33.25
N SER D 102 -23.80 8.13 -32.38
CA SER D 102 -22.80 8.95 -31.70
C SER D 102 -21.44 8.26 -31.81
N ARG D 103 -20.39 9.08 -31.87
CA ARG D 103 -19.05 8.55 -32.05
C ARG D 103 -18.62 7.73 -30.84
N GLN D 104 -17.92 6.63 -31.11
CA GLN D 104 -17.44 5.78 -30.03
C GLN D 104 -16.20 6.35 -29.35
N PHE D 105 -15.31 6.99 -30.12
CA PHE D 105 -14.06 7.56 -29.60
C PHE D 105 -13.95 9.00 -30.05
N TRP D 106 -14.52 9.93 -29.30
CA TRP D 106 -15.33 9.61 -28.12
C TRP D 106 -16.68 10.30 -28.25
N TYR D 107 -17.56 10.08 -27.28
CA TYR D 107 -18.91 10.62 -27.35
C TYR D 107 -18.89 12.14 -27.46
N SER D 108 -19.52 12.66 -28.49
CA SER D 108 -19.59 14.11 -28.71
C SER D 108 -20.98 14.50 -29.18
N GLY D 109 -22.00 13.93 -28.57
CA GLY D 109 -23.37 14.23 -28.94
C GLY D 109 -23.89 13.34 -30.07
N LEU D 110 -25.20 13.38 -30.25
CA LEU D 110 -25.88 12.58 -31.28
C LEU D 110 -25.86 13.37 -32.57
N ASP D 111 -24.74 13.30 -33.29
CA ASP D 111 -24.54 14.17 -34.45
C ASP D 111 -25.32 13.71 -35.67
N TYR D 112 -25.73 12.45 -35.73
CA TYR D 112 -26.54 11.97 -36.85
C TYR D 112 -27.82 11.32 -36.32
N TRP D 113 -28.94 11.64 -36.97
CA TRP D 113 -30.25 11.15 -36.57
C TRP D 113 -30.93 10.48 -37.76
N GLY D 114 -31.93 9.66 -37.46
CA GLY D 114 -32.72 9.03 -38.49
C GLY D 114 -33.78 9.97 -39.02
N GLN D 115 -35.01 9.46 -39.21
CA GLN D 115 -36.10 10.31 -39.65
C GLN D 115 -37.40 10.08 -38.89
N GLY D 116 -37.45 9.14 -37.96
CA GLY D 116 -38.62 8.97 -37.11
C GLY D 116 -39.65 8.02 -37.65
N THR D 117 -40.12 7.12 -36.80
CA THR D 117 -41.20 6.18 -37.14
C THR D 117 -42.25 6.25 -36.04
N LEU D 118 -43.51 6.42 -36.43
CA LEU D 118 -44.59 6.58 -35.47
C LEU D 118 -45.03 5.23 -34.94
N VAL D 119 -45.09 5.10 -33.62
CA VAL D 119 -45.58 3.90 -32.94
C VAL D 119 -46.84 4.27 -32.17
N THR D 120 -47.91 3.51 -32.42
CA THR D 120 -49.21 3.79 -31.81
C THR D 120 -49.74 2.53 -31.13
N VAL D 121 -50.50 2.74 -30.06
CA VAL D 121 -51.19 1.66 -29.36
C VAL D 121 -52.64 2.07 -29.17
N SER D 122 -53.49 1.07 -28.97
CA SER D 122 -54.92 1.31 -28.81
C SER D 122 -55.60 0.16 -28.07
N SER E 1 -29.01 9.16 -8.41
CA SER E 1 -30.30 9.21 -9.10
C SER E 1 -30.14 9.81 -10.50
N ASP E 2 -31.23 9.79 -11.26
CA ASP E 2 -31.21 10.38 -12.59
C ASP E 2 -31.08 11.89 -12.48
N ILE E 3 -30.16 12.46 -13.26
CA ILE E 3 -29.88 13.90 -13.20
C ILE E 3 -30.91 14.62 -14.07
N GLN E 4 -31.88 15.26 -13.43
CA GLN E 4 -32.85 16.04 -14.18
C GLN E 4 -32.24 17.36 -14.62
N MET E 5 -32.57 17.80 -15.82
CA MET E 5 -32.00 19.00 -16.40
C MET E 5 -33.14 19.99 -16.65
N THR E 6 -33.10 21.11 -15.94
CA THR E 6 -34.17 22.11 -15.99
C THR E 6 -33.80 23.19 -17.00
N GLN E 7 -34.66 23.40 -17.99
CA GLN E 7 -34.40 24.32 -19.09
C GLN E 7 -35.47 25.39 -19.12
N SER E 8 -35.06 26.65 -18.97
CA SER E 8 -35.97 27.78 -18.93
C SER E 8 -35.32 28.95 -19.66
N PRO E 9 -36.11 29.85 -20.26
CA PRO E 9 -37.58 29.87 -20.30
C PRO E 9 -38.19 28.84 -21.25
N SER E 10 -39.42 28.41 -20.96
CA SER E 10 -40.07 27.39 -21.78
C SER E 10 -40.55 27.93 -23.11
N SER E 11 -41.12 29.13 -23.13
CA SER E 11 -41.65 29.72 -24.35
C SER E 11 -41.32 31.20 -24.37
N LEU E 12 -40.98 31.72 -25.55
CA LEU E 12 -40.59 33.11 -25.69
C LEU E 12 -40.87 33.57 -27.10
N SER E 13 -40.91 34.90 -27.28
CA SER E 13 -41.05 35.53 -28.57
C SER E 13 -39.87 36.45 -28.81
N ALA E 14 -39.45 36.56 -30.06
CA ALA E 14 -38.27 37.35 -30.41
C ALA E 14 -38.54 38.05 -31.75
N SER E 15 -37.49 38.62 -32.32
CA SER E 15 -37.57 39.32 -33.60
C SER E 15 -36.24 39.16 -34.33
N VAL E 16 -36.28 39.36 -35.65
CA VAL E 16 -35.07 39.25 -36.46
C VAL E 16 -34.10 40.36 -36.06
N GLY E 17 -32.88 39.99 -35.70
CA GLY E 17 -31.88 40.92 -35.22
C GLY E 17 -31.81 41.04 -33.72
N ASP E 18 -32.56 40.24 -32.97
CA ASP E 18 -32.55 40.29 -31.53
C ASP E 18 -31.63 39.20 -30.96
N ARG E 19 -31.28 39.36 -29.69
CA ARG E 19 -30.51 38.36 -28.97
C ARG E 19 -31.43 37.46 -28.15
N VAL E 20 -31.13 36.16 -28.19
CA VAL E 20 -31.92 35.17 -27.47
C VAL E 20 -30.97 34.33 -26.63
N THR E 21 -31.31 34.16 -25.35
CA THR E 21 -30.48 33.41 -24.42
C THR E 21 -31.36 32.40 -23.70
N ILE E 22 -30.95 31.13 -23.72
CA ILE E 22 -31.71 30.03 -23.11
C ILE E 22 -30.84 29.42 -22.02
N THR E 23 -31.38 29.37 -20.80
CA THR E 23 -30.65 28.85 -19.65
C THR E 23 -31.01 27.40 -19.42
N CYS E 24 -30.08 26.65 -18.84
CA CYS E 24 -30.25 25.22 -18.62
C CYS E 24 -29.59 24.87 -17.29
N ARG E 25 -30.39 24.49 -16.30
CA ARG E 25 -29.92 24.24 -14.94
C ARG E 25 -29.74 22.74 -14.73
N ALA E 26 -28.53 22.32 -14.39
CA ALA E 26 -28.27 20.93 -14.06
C ALA E 26 -28.48 20.70 -12.57
N SER E 27 -29.24 19.66 -12.23
CA SER E 27 -29.51 19.34 -10.83
C SER E 27 -28.28 18.81 -10.10
N GLN E 28 -27.29 18.30 -10.82
CA GLN E 28 -26.06 17.81 -10.20
C GLN E 28 -24.88 18.39 -10.97
N SER E 29 -23.77 18.57 -10.27
CA SER E 29 -22.61 19.27 -10.81
C SER E 29 -21.90 18.37 -11.83
N VAL E 30 -22.47 18.34 -13.04
CA VAL E 30 -21.81 17.65 -14.14
C VAL E 30 -20.69 18.52 -14.71
N SER E 31 -19.87 17.92 -15.56
CA SER E 31 -18.81 18.65 -16.24
C SER E 31 -19.39 19.41 -17.42
N SER E 32 -18.54 19.88 -18.33
CA SER E 32 -18.99 20.62 -19.50
C SER E 32 -19.67 19.69 -20.50
N ALA E 33 -19.93 18.44 -20.11
CA ALA E 33 -20.55 17.45 -20.98
C ALA E 33 -22.05 17.75 -21.14
N VAL E 34 -22.33 18.80 -21.92
CA VAL E 34 -23.70 19.20 -22.24
C VAL E 34 -23.76 19.57 -23.71
N ALA E 35 -24.80 19.07 -24.39
CA ALA E 35 -24.97 19.31 -25.81
C ALA E 35 -26.32 19.96 -26.06
N TRP E 36 -26.37 20.80 -27.09
CA TRP E 36 -27.58 21.53 -27.46
C TRP E 36 -28.06 21.08 -28.83
N TYR E 37 -29.36 20.82 -28.94
CA TYR E 37 -29.97 20.32 -30.16
C TYR E 37 -31.08 21.26 -30.61
N GLN E 38 -31.30 21.33 -31.92
CA GLN E 38 -32.41 22.07 -32.49
C GLN E 38 -33.33 21.13 -33.25
N GLN E 39 -34.62 21.39 -33.15
CA GLN E 39 -35.61 20.55 -33.82
C GLN E 39 -36.71 21.46 -34.36
N LYS E 40 -36.84 21.52 -35.68
CA LYS E 40 -37.96 22.22 -36.28
C LYS E 40 -39.20 21.34 -36.20
N PRO E 41 -40.40 21.94 -36.26
CA PRO E 41 -41.63 21.14 -36.21
C PRO E 41 -41.75 20.24 -37.43
N GLY E 42 -41.67 18.93 -37.19
CA GLY E 42 -41.80 17.92 -38.21
C GLY E 42 -40.51 17.19 -38.54
N LYS E 43 -39.36 17.80 -38.28
CA LYS E 43 -38.08 17.21 -38.63
C LYS E 43 -37.44 16.54 -37.40
N ALA E 44 -36.33 15.86 -37.65
CA ALA E 44 -35.53 15.28 -36.59
C ALA E 44 -34.64 16.33 -35.97
N PRO E 45 -34.21 16.13 -34.72
CA PRO E 45 -33.30 17.10 -34.08
C PRO E 45 -32.00 17.24 -34.84
N LYS E 46 -31.21 18.22 -34.41
CA LYS E 46 -29.97 18.57 -35.10
C LYS E 46 -28.97 19.10 -34.09
N LEU E 47 -27.78 18.50 -34.05
CA LEU E 47 -26.77 18.90 -33.08
C LEU E 47 -26.23 20.27 -33.43
N LEU E 48 -26.12 21.13 -32.41
CA LEU E 48 -25.57 22.48 -32.56
C LEU E 48 -24.31 22.68 -31.74
N ILE E 49 -24.36 22.37 -30.45
CA ILE E 49 -23.25 22.58 -29.52
C ILE E 49 -22.91 21.26 -28.86
N TYR E 50 -21.61 21.00 -28.69
CA TYR E 50 -21.16 19.87 -27.90
C TYR E 50 -20.04 20.35 -26.98
N SER E 51 -19.90 19.67 -25.84
CA SER E 51 -18.99 20.08 -24.77
C SER E 51 -19.37 21.45 -24.23
N ALA E 52 -20.61 21.87 -24.52
CA ALA E 52 -21.26 23.05 -23.95
C ALA E 52 -20.69 24.36 -24.49
N SER E 53 -19.59 24.28 -25.25
CA SER E 53 -19.03 25.46 -25.88
C SER E 53 -18.58 25.27 -27.31
N SER E 54 -18.26 24.04 -27.73
CA SER E 54 -17.73 23.81 -29.06
C SER E 54 -18.87 23.84 -30.09
N LEU E 55 -18.68 24.59 -31.16
CA LEU E 55 -19.68 24.71 -32.20
C LEU E 55 -19.57 23.56 -33.18
N TYR E 56 -20.70 22.94 -33.50
CA TYR E 56 -20.69 21.84 -34.46
C TYR E 56 -20.41 22.35 -35.87
N SER E 57 -19.72 21.52 -36.65
CA SER E 57 -19.34 21.91 -38.00
C SER E 57 -20.57 22.10 -38.88
N GLY E 58 -20.57 23.21 -39.62
CA GLY E 58 -21.69 23.56 -40.46
C GLY E 58 -22.74 24.43 -39.79
N VAL E 59 -22.66 24.63 -38.49
CA VAL E 59 -23.60 25.49 -37.78
C VAL E 59 -23.13 26.93 -37.91
N PRO E 60 -24.02 27.88 -38.25
CA PRO E 60 -23.60 29.27 -38.37
C PRO E 60 -23.06 29.81 -37.07
N SER E 61 -22.11 30.75 -37.18
CA SER E 61 -21.36 31.22 -36.02
C SER E 61 -22.21 32.00 -35.03
N ARG E 62 -23.44 32.38 -35.41
CA ARG E 62 -24.29 33.12 -34.48
C ARG E 62 -24.69 32.30 -33.27
N PHE E 63 -24.63 30.97 -33.36
CA PHE E 63 -24.92 30.12 -32.21
C PHE E 63 -23.68 29.99 -31.33
N SER E 64 -23.85 30.20 -30.04
CA SER E 64 -22.72 30.13 -29.10
C SER E 64 -23.23 29.71 -27.73
N GLY E 65 -22.64 28.65 -27.19
CA GLY E 65 -22.97 28.18 -25.86
C GLY E 65 -21.93 28.61 -24.83
N SER E 66 -22.26 28.36 -23.57
CA SER E 66 -21.39 28.73 -22.47
C SER E 66 -21.73 27.91 -21.24
N ARG E 67 -20.82 27.91 -20.27
CA ARG E 67 -21.03 27.23 -19.01
C ARG E 67 -20.65 28.16 -17.86
N SER E 68 -21.47 28.15 -16.81
CA SER E 68 -21.20 28.93 -15.60
C SER E 68 -21.58 28.07 -14.41
N GLY E 69 -20.60 27.34 -13.87
CA GLY E 69 -20.88 26.37 -12.83
C GLY E 69 -21.69 25.21 -13.38
N THR E 70 -22.96 25.13 -12.99
CA THR E 70 -23.89 24.18 -13.58
C THR E 70 -24.91 24.87 -14.49
N ASP E 71 -24.75 26.16 -14.72
CA ASP E 71 -25.63 26.92 -15.61
C ASP E 71 -25.09 26.86 -17.03
N PHE E 72 -25.82 26.19 -17.92
CA PHE E 72 -25.45 26.12 -19.33
C PHE E 72 -26.40 26.98 -20.15
N THR E 73 -25.83 27.89 -20.94
CA THR E 73 -26.61 28.89 -21.66
C THR E 73 -26.30 28.83 -23.14
N LEU E 74 -27.34 28.87 -23.95
CA LEU E 74 -27.23 28.95 -25.40
C LEU E 74 -27.56 30.38 -25.83
N THR E 75 -26.65 31.00 -26.58
CA THR E 75 -26.78 32.39 -26.97
C THR E 75 -26.76 32.50 -28.49
N ILE E 76 -27.66 33.33 -29.03
CA ILE E 76 -27.69 33.65 -30.45
C ILE E 76 -27.36 35.12 -30.61
N SER E 77 -26.29 35.42 -31.35
CA SER E 77 -25.83 36.79 -31.47
C SER E 77 -26.80 37.65 -32.25
N SER E 78 -27.31 37.14 -33.38
CA SER E 78 -28.23 37.90 -34.21
C SER E 78 -29.23 36.93 -34.81
N LEU E 79 -30.49 37.01 -34.36
CA LEU E 79 -31.49 36.04 -34.79
C LEU E 79 -31.82 36.22 -36.26
N GLN E 80 -31.84 35.11 -36.99
CA GLN E 80 -32.24 35.02 -38.38
C GLN E 80 -33.55 34.29 -38.50
N PRO E 81 -34.31 34.51 -39.59
CA PRO E 81 -35.62 33.85 -39.72
C PRO E 81 -35.55 32.33 -39.81
N GLU E 82 -34.35 31.74 -39.85
CA GLU E 82 -34.21 30.30 -39.88
C GLU E 82 -34.17 29.69 -38.47
N ASP E 83 -34.01 30.50 -37.44
CA ASP E 83 -33.77 30.00 -36.08
C ASP E 83 -35.03 29.76 -35.28
N PHE E 84 -36.21 29.78 -35.90
CA PHE E 84 -37.47 29.57 -35.19
C PHE E 84 -37.75 28.08 -35.11
N ALA E 85 -37.45 27.48 -33.96
CA ALA E 85 -37.61 26.05 -33.74
C ALA E 85 -37.54 25.79 -32.24
N THR E 86 -37.47 24.51 -31.87
CA THR E 86 -37.39 24.09 -30.47
C THR E 86 -35.98 23.61 -30.17
N TYR E 87 -35.42 24.08 -29.05
CA TYR E 87 -34.04 23.79 -28.67
C TYR E 87 -34.03 22.95 -27.40
N TYR E 88 -33.19 21.91 -27.41
CA TYR E 88 -33.11 20.97 -26.30
C TYR E 88 -31.72 20.98 -25.68
N CYS E 89 -31.67 20.85 -24.36
CA CYS E 89 -30.43 20.83 -23.59
C CYS E 89 -30.25 19.43 -23.03
N GLN E 90 -29.19 18.76 -23.46
CA GLN E 90 -28.94 17.37 -23.09
C GLN E 90 -27.61 17.25 -22.36
N GLN E 91 -27.60 16.48 -21.28
CA GLN E 91 -26.35 16.13 -20.60
C GLN E 91 -26.00 14.68 -20.90
N TYR E 92 -24.71 14.43 -21.13
CA TYR E 92 -24.24 13.08 -21.45
C TYR E 92 -23.07 12.67 -20.56
N LYS E 93 -22.90 13.29 -19.40
CA LYS E 93 -21.84 12.88 -18.49
C LYS E 93 -22.18 11.58 -17.78
N TYR E 94 -23.45 11.40 -17.42
CA TYR E 94 -23.90 10.23 -16.68
C TYR E 94 -25.04 9.55 -17.42
N VAL E 95 -24.98 8.23 -17.49
CA VAL E 95 -26.08 7.40 -18.00
C VAL E 95 -27.13 7.29 -16.91
N PRO E 96 -28.42 7.47 -17.21
CA PRO E 96 -29.02 7.78 -18.51
C PRO E 96 -28.86 9.25 -18.92
N VAL E 97 -28.75 9.49 -20.22
CA VAL E 97 -28.72 10.86 -20.73
C VAL E 97 -30.12 11.46 -20.62
N THR E 98 -30.19 12.71 -20.18
CA THR E 98 -31.47 13.37 -19.93
C THR E 98 -31.57 14.63 -20.77
N PHE E 99 -32.74 14.87 -21.33
CA PHE E 99 -33.01 16.02 -22.17
C PHE E 99 -33.82 17.05 -21.38
N GLY E 100 -33.65 18.32 -21.73
CA GLY E 100 -34.47 19.36 -21.15
C GLY E 100 -35.89 19.31 -21.70
N GLN E 101 -36.78 20.03 -21.02
CA GLN E 101 -38.19 20.02 -21.41
C GLN E 101 -38.44 20.79 -22.70
N GLY E 102 -37.49 21.56 -23.18
CA GLY E 102 -37.64 22.21 -24.47
C GLY E 102 -37.98 23.68 -24.37
N THR E 103 -37.50 24.45 -25.35
CA THR E 103 -37.76 25.87 -25.47
C THR E 103 -37.96 26.22 -26.94
N LYS E 104 -39.07 26.89 -27.25
CA LYS E 104 -39.39 27.26 -28.62
C LYS E 104 -39.21 28.76 -28.82
N VAL E 105 -38.40 29.12 -29.82
CA VAL E 105 -38.22 30.51 -30.22
C VAL E 105 -39.27 30.85 -31.26
N GLU E 106 -39.99 31.96 -31.04
CA GLU E 106 -41.10 32.34 -31.91
C GLU E 106 -40.98 33.81 -32.28
N ILE E 107 -41.64 34.17 -33.38
CA ILE E 107 -41.64 35.53 -33.89
C ILE E 107 -42.20 36.50 -32.86
N PRO F 5 -7.48 -0.18 41.69
CA PRO F 5 -6.68 0.70 40.85
C PRO F 5 -7.26 0.88 39.45
N GLY F 6 -6.80 1.91 38.74
CA GLY F 6 -7.31 2.16 37.41
C GLY F 6 -6.79 1.13 36.41
N THR F 7 -7.56 0.94 35.35
CA THR F 7 -7.23 0.01 34.28
C THR F 7 -7.00 0.79 32.99
N ARG F 8 -5.89 0.50 32.32
CA ARG F 8 -5.57 1.14 31.05
C ARG F 8 -6.20 0.37 29.89
N VAL F 9 -6.77 1.10 28.95
CA VAL F 9 -7.39 0.52 27.77
C VAL F 9 -6.82 1.22 26.54
N PHE F 10 -6.54 0.45 25.50
CA PHE F 10 -5.95 0.97 24.28
C PHE F 10 -7.03 1.24 23.24
N LYS F 11 -6.91 2.38 22.56
CA LYS F 11 -7.91 2.78 21.59
C LYS F 11 -7.24 3.43 20.39
N LYS F 12 -7.95 3.38 19.26
CA LYS F 12 -7.49 4.03 18.03
C LYS F 12 -8.72 4.47 17.25
N SER F 13 -8.59 5.60 16.58
CA SER F 13 -9.71 6.24 15.90
C SER F 13 -9.50 6.24 14.39
N SER F 14 -10.60 6.18 13.66
CA SER F 14 -10.56 6.25 12.22
C SER F 14 -10.15 7.67 11.78
N PRO F 15 -9.54 7.81 10.61
CA PRO F 15 -9.15 9.16 10.14
C PRO F 15 -10.31 10.13 10.06
N ASN F 16 -11.51 9.67 9.73
CA ASN F 16 -12.68 10.55 9.73
C ASN F 16 -13.15 10.90 11.13
N GLY F 17 -12.64 10.23 12.16
CA GLY F 17 -12.96 10.56 13.53
C GLY F 17 -14.22 9.93 14.08
N LYS F 18 -14.88 9.05 13.33
CA LYS F 18 -16.11 8.44 13.81
C LYS F 18 -15.87 7.05 14.37
N LEU F 19 -15.29 6.16 13.56
CA LEU F 19 -15.08 4.79 13.99
C LEU F 19 -13.90 4.71 14.95
N THR F 20 -14.09 4.03 16.08
CA THR F 20 -13.07 3.88 17.10
C THR F 20 -13.11 2.47 17.67
N VAL F 21 -11.94 1.88 17.88
CA VAL F 21 -11.81 0.52 18.38
C VAL F 21 -11.11 0.56 19.73
N TYR F 22 -11.71 -0.09 20.72
CA TYR F 22 -11.15 -0.20 22.07
C TYR F 22 -10.66 -1.63 22.28
N LEU F 23 -9.44 -1.77 22.78
CA LEU F 23 -8.86 -3.07 23.09
C LEU F 23 -8.30 -3.06 24.50
N GLY F 24 -8.57 -4.14 25.23
CA GLY F 24 -8.08 -4.24 26.60
C GLY F 24 -6.60 -4.56 26.69
N LYS F 25 -6.02 -5.14 25.64
CA LYS F 25 -4.63 -5.53 25.64
C LYS F 25 -4.06 -5.42 24.23
N ARG F 26 -2.74 -5.42 24.14
CA ARG F 26 -2.05 -5.47 22.86
C ARG F 26 -1.25 -6.75 22.66
N ASP F 27 -0.77 -7.36 23.75
CA ASP F 27 -0.05 -8.62 23.71
C ASP F 27 -0.92 -9.72 24.31
N PHE F 28 -1.20 -10.76 23.54
CA PHE F 28 -2.05 -11.86 23.96
C PHE F 28 -1.19 -13.10 24.18
N VAL F 29 -1.21 -13.62 25.40
CA VAL F 29 -0.33 -14.71 25.79
C VAL F 29 -0.94 -16.04 25.40
N ASP F 30 -0.11 -16.95 24.92
CA ASP F 30 -0.51 -18.32 24.60
C ASP F 30 -0.05 -19.22 25.74
N HIS F 31 -0.97 -20.06 26.23
CA HIS F 31 -0.70 -20.95 27.35
C HIS F 31 -0.46 -22.40 26.92
N LEU F 32 -0.25 -22.64 25.63
CA LEU F 32 0.04 -23.95 25.06
C LEU F 32 -1.17 -24.89 25.12
N ASP F 33 -2.26 -24.43 25.74
CA ASP F 33 -3.53 -25.14 25.70
C ASP F 33 -4.70 -24.25 25.33
N LYS F 34 -4.59 -22.95 25.60
CA LYS F 34 -5.60 -21.97 25.18
C LYS F 34 -4.91 -20.65 24.93
N VAL F 35 -5.52 -19.84 24.06
CA VAL F 35 -5.00 -18.52 23.72
C VAL F 35 -5.96 -17.48 24.26
N ASP F 36 -5.39 -16.41 24.82
CA ASP F 36 -6.22 -15.35 25.38
C ASP F 36 -7.09 -14.75 24.28
N PRO F 37 -8.41 -14.77 24.43
CA PRO F 37 -9.28 -14.28 23.36
C PRO F 37 -9.16 -12.77 23.18
N VAL F 38 -9.36 -12.35 21.93
CA VAL F 38 -9.33 -10.92 21.60
C VAL F 38 -10.73 -10.37 21.76
N ASP F 39 -10.97 -9.64 22.85
CA ASP F 39 -12.25 -8.98 23.11
C ASP F 39 -12.07 -7.48 23.12
N GLY F 40 -12.98 -6.77 22.44
CA GLY F 40 -12.87 -5.34 22.32
C GLY F 40 -14.25 -4.70 22.19
N VAL F 41 -14.23 -3.41 21.88
CA VAL F 41 -15.45 -2.62 21.74
C VAL F 41 -15.31 -1.68 20.55
N VAL F 42 -16.35 -1.62 19.72
CA VAL F 42 -16.38 -0.74 18.55
C VAL F 42 -17.41 0.36 18.79
N LEU F 43 -16.96 1.60 18.71
CA LEU F 43 -17.82 2.76 18.90
C LEU F 43 -18.11 3.40 17.55
N VAL F 44 -19.38 3.66 17.28
CA VAL F 44 -19.80 4.22 15.99
C VAL F 44 -21.12 4.94 16.20
N ASP F 45 -21.41 5.90 15.31
CA ASP F 45 -22.66 6.63 15.33
C ASP F 45 -23.58 6.05 14.27
N PRO F 46 -24.75 5.52 14.63
CA PRO F 46 -25.59 4.85 13.62
C PRO F 46 -26.02 5.73 12.47
N ASP F 47 -26.16 7.04 12.67
CA ASP F 47 -26.53 7.92 11.57
C ASP F 47 -25.44 8.03 10.51
N TYR F 48 -24.18 7.84 10.90
CA TYR F 48 -23.08 7.94 9.93
C TYR F 48 -23.13 6.77 8.95
N LEU F 49 -23.32 5.58 9.51
CA LEU F 49 -23.64 4.47 8.61
C LEU F 49 -25.07 4.84 8.33
N LYS F 50 -25.62 4.37 7.22
CA LYS F 50 -27.07 4.60 6.98
C LYS F 50 -27.60 3.20 6.79
N ASP F 51 -27.01 2.50 5.84
CA ASP F 51 -27.33 1.08 5.58
C ASP F 51 -26.01 0.31 5.53
N ARG F 52 -24.92 0.92 6.03
CA ARG F 52 -23.58 0.30 5.97
C ARG F 52 -23.32 -0.43 7.27
N LYS F 53 -23.25 -1.76 7.23
CA LYS F 53 -22.93 -2.58 8.39
C LYS F 53 -21.46 -2.41 8.77
N VAL F 54 -21.16 -2.73 10.02
CA VAL F 54 -19.82 -2.57 10.59
C VAL F 54 -19.21 -3.95 10.77
N PHE F 55 -18.02 -4.15 10.20
CA PHE F 55 -17.32 -5.42 10.27
C PHE F 55 -15.92 -5.20 10.86
N VAL F 56 -15.48 -6.18 11.65
CA VAL F 56 -14.12 -6.18 12.18
C VAL F 56 -13.46 -7.51 11.82
N THR F 57 -12.21 -7.44 11.39
CA THR F 57 -11.49 -8.61 10.91
C THR F 57 -10.16 -8.75 11.65
N LEU F 58 -9.88 -9.97 12.10
CA LEU F 58 -8.58 -10.32 12.67
C LEU F 58 -7.81 -11.13 11.64
N THR F 59 -6.61 -10.66 11.28
CA THR F 59 -5.82 -11.28 10.24
C THR F 59 -4.38 -11.46 10.69
N VAL F 60 -3.81 -12.62 10.36
CA VAL F 60 -2.38 -12.89 10.54
C VAL F 60 -1.82 -13.23 9.16
N ALA F 61 -0.76 -12.53 8.78
CA ALA F 61 -0.27 -12.61 7.40
C ALA F 61 1.24 -12.76 7.37
N PHE F 62 1.71 -13.70 6.56
CA PHE F 62 3.12 -13.81 6.25
C PHE F 62 3.49 -12.75 5.22
N ARG F 63 4.41 -11.86 5.59
CA ARG F 63 4.63 -10.65 4.82
C ARG F 63 6.07 -10.57 4.35
N TYR F 64 6.34 -9.56 3.51
CA TYR F 64 7.68 -9.22 3.06
C TYR F 64 7.70 -7.75 2.71
N GLY F 65 8.89 -7.17 2.67
CA GLY F 65 9.02 -5.76 2.33
C GLY F 65 8.42 -4.84 3.38
N ARG F 66 8.62 -3.54 3.17
CA ARG F 66 8.14 -2.54 4.11
C ARG F 66 6.62 -2.37 4.00
N GLU F 67 6.09 -1.51 4.85
CA GLU F 67 4.66 -1.22 4.84
C GLU F 67 4.27 -0.30 3.68
N ASP F 68 5.17 0.61 3.30
CA ASP F 68 4.89 1.58 2.26
C ASP F 68 5.26 1.02 0.89
N CYS F 69 5.27 1.88 -0.13
CA CYS F 69 5.53 1.47 -1.50
C CYS F 69 7.02 1.21 -1.68
N ASP F 70 7.38 -0.06 -1.88
CA ASP F 70 8.78 -0.42 -2.08
C ASP F 70 9.06 -0.61 -3.55
N VAL F 71 10.19 -0.08 -4.02
CA VAL F 71 10.62 -0.37 -5.38
C VAL F 71 11.49 -1.63 -5.35
N LEU F 72 10.84 -2.79 -5.27
CA LEU F 72 11.49 -4.07 -5.09
C LEU F 72 10.48 -5.17 -5.41
N GLY F 73 10.80 -6.39 -5.02
CA GLY F 73 9.86 -7.49 -5.03
C GLY F 73 8.95 -7.42 -3.81
N LEU F 74 7.95 -6.55 -3.87
CA LEU F 74 7.17 -6.14 -2.72
C LEU F 74 6.38 -7.30 -2.12
N SER F 75 5.64 -7.01 -1.05
CA SER F 75 5.12 -8.01 -0.11
C SER F 75 4.47 -9.22 -0.75
N PHE F 76 5.06 -10.39 -0.53
CA PHE F 76 4.32 -11.63 -0.71
C PHE F 76 3.49 -11.88 0.54
N ARG F 77 2.17 -11.74 0.41
CA ARG F 77 1.28 -11.83 1.55
C ARG F 77 0.43 -13.08 1.43
N LYS F 78 0.45 -13.90 2.47
CA LYS F 78 -0.35 -15.13 2.53
C LYS F 78 -1.01 -15.20 3.89
N ASP F 79 -2.31 -15.00 3.94
CA ASP F 79 -3.05 -14.98 5.20
C ASP F 79 -3.14 -16.38 5.78
N LEU F 80 -2.55 -16.57 6.96
CA LEU F 80 -2.61 -17.87 7.62
C LEU F 80 -3.94 -18.10 8.32
N PHE F 81 -4.65 -17.03 8.69
CA PHE F 81 -5.92 -17.16 9.37
C PHE F 81 -6.72 -15.87 9.18
N ILE F 82 -8.01 -16.02 8.91
CA ILE F 82 -8.91 -14.90 8.69
C ILE F 82 -10.18 -15.12 9.50
N ALA F 83 -10.64 -14.07 10.18
CA ALA F 83 -11.88 -14.12 10.95
C ALA F 83 -12.67 -12.85 10.68
N ASN F 84 -14.00 -12.99 10.59
CA ASN F 84 -14.90 -11.87 10.34
C ASN F 84 -15.95 -11.81 11.45
N TYR F 85 -16.24 -10.59 11.91
CA TYR F 85 -17.23 -10.37 12.95
C TYR F 85 -18.00 -9.10 12.62
N GLN F 86 -19.33 -9.16 12.80
CA GLN F 86 -20.21 -8.03 12.50
C GLN F 86 -20.55 -7.31 13.80
N ALA F 87 -19.98 -6.12 13.97
CA ALA F 87 -20.19 -5.36 15.20
C ALA F 87 -21.60 -4.78 15.26
N PHE F 88 -22.07 -4.19 14.17
CA PHE F 88 -23.38 -3.55 14.12
C PHE F 88 -23.97 -3.76 12.74
N PRO F 89 -25.21 -4.29 12.63
CA PRO F 89 -26.15 -4.71 13.68
C PRO F 89 -25.63 -5.87 14.54
N PRO F 90 -26.16 -6.00 15.76
CA PRO F 90 -25.62 -6.99 16.69
C PRO F 90 -25.75 -8.41 16.16
N THR F 91 -24.72 -9.21 16.44
CA THR F 91 -24.70 -10.62 16.13
C THR F 91 -25.41 -11.42 17.23
N PRO F 92 -25.74 -12.69 16.96
CA PRO F 92 -26.30 -13.54 18.01
C PRO F 92 -25.40 -13.60 19.25
N ASN F 93 -25.98 -14.11 20.33
CA ASN F 93 -25.32 -14.10 21.64
C ASN F 93 -23.95 -14.76 21.68
N PRO F 94 -23.74 -15.96 21.15
CA PRO F 94 -22.44 -16.62 21.33
C PRO F 94 -21.35 -15.87 20.58
N PRO F 95 -20.07 -15.99 21.03
CA PRO F 95 -19.65 -16.77 22.19
C PRO F 95 -19.93 -16.09 23.53
N ARG F 96 -20.88 -16.64 24.30
CA ARG F 96 -21.23 -16.20 25.65
C ARG F 96 -21.79 -14.78 25.67
N PRO F 97 -22.40 -14.36 26.77
CA PRO F 97 -22.71 -12.94 26.93
C PRO F 97 -21.42 -12.13 27.09
N PRO F 98 -21.47 -10.82 26.91
CA PRO F 98 -20.24 -10.03 26.96
C PRO F 98 -19.51 -10.20 28.28
N THR F 99 -18.17 -10.25 28.19
CA THR F 99 -17.34 -10.50 29.35
C THR F 99 -17.29 -9.28 30.26
N ARG F 100 -16.54 -9.43 31.37
CA ARG F 100 -16.46 -8.35 32.35
C ARG F 100 -15.83 -7.10 31.77
N LEU F 101 -14.74 -7.26 31.01
CA LEU F 101 -14.11 -6.10 30.40
C LEU F 101 -15.02 -5.45 29.37
N GLN F 102 -15.71 -6.26 28.57
CA GLN F 102 -16.67 -5.71 27.61
C GLN F 102 -17.81 -4.99 28.32
N GLU F 103 -18.31 -5.57 29.40
CA GLU F 103 -19.39 -4.93 30.16
C GLU F 103 -18.93 -3.58 30.71
N ARG F 104 -17.72 -3.54 31.26
CA ARG F 104 -17.20 -2.28 31.79
C ARG F 104 -17.02 -1.25 30.69
N LEU F 105 -16.53 -1.67 29.52
CA LEU F 105 -16.34 -0.73 28.42
C LEU F 105 -17.67 -0.20 27.91
N LEU F 106 -18.69 -1.05 27.79
CA LEU F 106 -20.00 -0.58 27.37
C LEU F 106 -20.60 0.37 28.41
N ARG F 107 -20.41 0.09 29.70
CA ARG F 107 -20.86 1.01 30.72
C ARG F 107 -20.16 2.36 30.61
N LYS F 108 -18.86 2.34 30.34
CA LYS F 108 -18.10 3.59 30.20
C LYS F 108 -18.54 4.38 28.98
N LEU F 109 -18.80 3.70 27.86
CA LEU F 109 -19.05 4.38 26.59
C LEU F 109 -20.52 4.56 26.26
N GLY F 110 -21.41 3.79 26.87
CA GLY F 110 -22.83 3.92 26.61
C GLY F 110 -23.33 2.98 25.53
N GLN F 111 -24.48 3.34 24.97
CA GLN F 111 -25.13 2.47 23.99
C GLN F 111 -24.47 2.55 22.62
N HIS F 112 -23.58 3.53 22.39
CA HIS F 112 -22.84 3.58 21.14
C HIS F 112 -21.77 2.50 21.04
N ALA F 113 -21.50 1.78 22.12
CA ALA F 113 -20.50 0.72 22.13
C ALA F 113 -21.08 -0.56 21.56
N HIS F 114 -20.21 -1.36 20.95
CA HIS F 114 -20.56 -2.67 20.40
C HIS F 114 -19.38 -3.62 20.58
N PRO F 115 -19.59 -4.75 21.23
CA PRO F 115 -18.49 -5.68 21.47
C PRO F 115 -18.21 -6.59 20.28
N PHE F 116 -16.94 -6.96 20.15
CA PHE F 116 -16.51 -7.96 19.18
C PHE F 116 -15.57 -8.93 19.87
N PHE F 117 -15.55 -10.16 19.37
CA PHE F 117 -14.88 -11.25 20.08
C PHE F 117 -14.22 -12.19 19.06
N PHE F 118 -12.94 -12.45 19.26
CA PHE F 118 -12.18 -13.36 18.41
C PHE F 118 -11.42 -14.35 19.30
N THR F 119 -11.50 -15.63 18.95
CA THR F 119 -10.75 -16.67 19.64
C THR F 119 -9.61 -17.12 18.74
N ILE F 120 -8.39 -16.74 19.09
CA ILE F 120 -7.23 -17.10 18.27
C ILE F 120 -7.02 -18.61 18.35
N PRO F 121 -6.82 -19.30 17.21
CA PRO F 121 -6.58 -20.75 17.27
C PRO F 121 -5.22 -21.06 17.88
N GLN F 122 -5.09 -22.29 18.34
CA GLN F 122 -3.91 -22.69 19.10
C GLN F 122 -2.68 -22.90 18.21
N ASN F 123 -2.88 -23.40 16.99
CA ASN F 123 -1.76 -23.78 16.14
C ASN F 123 -1.13 -22.61 15.40
N LEU F 124 -1.65 -21.40 15.56
CA LEU F 124 -1.08 -20.25 14.87
C LEU F 124 0.30 -19.92 15.44
N PRO F 125 1.23 -19.46 14.61
CA PRO F 125 2.58 -19.15 15.09
C PRO F 125 2.62 -17.83 15.86
N SER F 126 3.75 -17.61 16.52
CA SER F 126 3.99 -16.38 17.24
C SER F 126 4.40 -15.27 16.29
N SER F 127 4.61 -14.08 16.84
CA SER F 127 5.03 -12.93 16.04
C SER F 127 6.55 -12.82 16.07
N VAL F 128 7.18 -13.01 14.91
CA VAL F 128 8.62 -12.89 14.78
C VAL F 128 8.93 -12.10 13.51
N THR F 129 10.15 -11.56 13.46
CA THR F 129 10.58 -10.74 12.33
C THR F 129 12.01 -11.08 11.98
N LEU F 130 12.25 -11.38 10.70
CA LEU F 130 13.59 -11.63 10.21
C LEU F 130 14.32 -10.30 10.00
N GLN F 131 15.56 -10.25 10.46
CA GLN F 131 16.30 -8.99 10.42
C GLN F 131 16.70 -8.64 8.99
N PRO F 132 16.42 -7.43 8.52
CA PRO F 132 16.85 -7.04 7.18
C PRO F 132 18.37 -6.91 7.11
N GLY F 133 18.90 -7.16 5.92
CA GLY F 133 20.31 -7.01 5.68
C GLY F 133 20.68 -5.58 5.35
N PRO F 134 21.96 -5.23 5.52
CA PRO F 134 22.41 -3.87 5.20
C PRO F 134 22.30 -3.52 3.72
N GLU F 135 22.20 -4.51 2.84
CA GLU F 135 22.09 -4.26 1.40
C GLU F 135 20.67 -4.00 0.94
N ASP F 136 19.66 -4.38 1.74
CA ASP F 136 18.28 -4.18 1.34
C ASP F 136 17.79 -2.78 1.71
N THR F 137 16.88 -2.26 0.90
CA THR F 137 16.28 -0.95 1.13
C THR F 137 14.89 -1.10 1.75
N GLY F 138 14.71 -2.10 2.60
CA GLY F 138 13.43 -2.35 3.23
C GLY F 138 13.46 -3.50 4.20
N LYS F 139 12.44 -3.60 5.06
CA LYS F 139 12.41 -4.66 6.05
C LYS F 139 12.16 -6.02 5.39
N ALA F 140 12.59 -7.07 6.09
CA ALA F 140 12.57 -8.41 5.53
C ALA F 140 11.25 -9.11 5.86
N LEU F 141 11.19 -10.41 5.59
CA LEU F 141 9.96 -11.17 5.78
C LEU F 141 9.69 -11.40 7.26
N GLY F 142 8.41 -11.61 7.57
CA GLY F 142 8.00 -11.89 8.94
C GLY F 142 6.51 -12.15 8.99
N VAL F 143 6.07 -12.63 10.14
CA VAL F 143 4.67 -12.94 10.41
C VAL F 143 4.20 -12.05 11.56
N ASP F 144 3.01 -11.48 11.41
CA ASP F 144 2.47 -10.56 12.41
C ASP F 144 0.95 -10.68 12.45
N PHE F 145 0.39 -10.19 13.55
CA PHE F 145 -1.05 -10.17 13.77
C PHE F 145 -1.57 -8.75 13.63
N GLU F 146 -2.80 -8.61 13.17
CA GLU F 146 -3.35 -7.29 12.89
C GLU F 146 -4.87 -7.33 12.98
N ILE F 147 -5.47 -6.20 13.34
CA ILE F 147 -6.90 -6.08 13.49
C ILE F 147 -7.39 -4.87 12.70
N ARG F 148 -8.47 -5.07 11.95
CA ARG F 148 -9.09 -4.02 11.15
C ARG F 148 -10.55 -3.87 11.51
N ALA F 149 -11.06 -2.65 11.35
CA ALA F 149 -12.48 -2.37 11.53
C ALA F 149 -12.92 -1.39 10.45
N PHE F 150 -14.08 -1.65 9.86
CA PHE F 150 -14.58 -0.83 8.76
C PHE F 150 -16.08 -0.97 8.65
N VAL F 151 -16.70 -0.04 7.93
CA VAL F 151 -18.13 -0.09 7.63
C VAL F 151 -18.29 -0.30 6.13
N ALA F 152 -19.16 -1.23 5.75
CA ALA F 152 -19.38 -1.54 4.34
C ALA F 152 -20.75 -2.20 4.18
N LYS F 153 -21.25 -2.18 2.95
CA LYS F 153 -22.51 -2.83 2.64
C LYS F 153 -22.39 -4.34 2.63
N SER F 154 -21.20 -4.86 2.31
CA SER F 154 -20.97 -6.30 2.26
C SER F 154 -19.50 -6.57 2.52
N LEU F 155 -19.21 -7.83 2.86
CA LEU F 155 -17.83 -8.21 3.14
C LEU F 155 -16.95 -8.12 1.90
N GLU F 156 -17.48 -8.48 0.73
CA GLU F 156 -16.71 -8.45 -0.51
C GLU F 156 -16.48 -7.04 -1.02
N GLU F 157 -17.13 -6.03 -0.44
CA GLU F 157 -16.93 -4.66 -0.87
C GLU F 157 -15.50 -4.21 -0.57
N LYS F 158 -14.96 -3.38 -1.45
CA LYS F 158 -13.59 -2.91 -1.29
C LYS F 158 -13.47 -2.00 -0.07
N SER F 159 -12.28 -1.99 0.52
CA SER F 159 -12.05 -1.22 1.74
C SER F 159 -11.96 0.27 1.43
N HIS F 160 -12.25 1.08 2.44
CA HIS F 160 -12.18 2.54 2.34
C HIS F 160 -11.09 3.04 3.28
N LYS F 161 -10.14 3.80 2.73
CA LYS F 161 -9.02 4.29 3.52
C LYS F 161 -9.48 5.30 4.57
N ARG F 162 -10.43 6.18 4.21
CA ARG F 162 -10.85 7.27 5.12
C ARG F 162 -11.70 6.75 6.27
N ASN F 163 -12.33 5.60 6.11
CA ASN F 163 -13.25 5.11 7.12
C ASN F 163 -12.68 4.02 8.00
N SER F 164 -11.86 3.13 7.45
CA SER F 164 -11.36 1.98 8.19
C SER F 164 -10.27 2.39 9.17
N VAL F 165 -10.15 1.61 10.24
CA VAL F 165 -9.12 1.81 11.25
C VAL F 165 -8.34 0.51 11.40
N ARG F 166 -7.01 0.62 11.49
CA ARG F 166 -6.13 -0.53 11.51
C ARG F 166 -5.29 -0.51 12.78
N LEU F 167 -5.20 -1.66 13.44
CA LEU F 167 -4.52 -1.76 14.73
C LEU F 167 -3.71 -3.04 14.76
N VAL F 168 -2.54 -2.98 15.40
CA VAL F 168 -1.62 -4.11 15.43
C VAL F 168 -1.60 -4.73 16.82
N ILE F 169 -1.62 -6.06 16.88
CA ILE F 169 -1.49 -6.82 18.12
C ILE F 169 -0.36 -7.82 17.95
N ARG F 170 -0.08 -8.54 19.04
CA ARG F 170 0.99 -9.53 19.04
C ARG F 170 0.56 -10.78 19.78
N LYS F 171 1.20 -11.90 19.43
CA LYS F 171 1.03 -13.16 20.15
C LYS F 171 2.37 -13.53 20.77
N VAL F 172 2.37 -13.72 22.09
CA VAL F 172 3.61 -13.92 22.83
C VAL F 172 3.51 -15.18 23.68
N GLN F 173 4.66 -15.71 24.05
CA GLN F 173 4.75 -16.87 24.93
C GLN F 173 5.77 -16.58 26.03
N PHE F 174 5.60 -17.24 27.17
CA PHE F 174 6.49 -17.07 28.31
C PHE F 174 6.99 -18.43 28.79
N ALA F 175 8.05 -18.38 29.59
CA ALA F 175 8.73 -19.59 30.01
C ALA F 175 7.80 -20.46 30.85
N PRO F 176 7.78 -21.77 30.62
CA PRO F 176 6.98 -22.66 31.48
C PRO F 176 7.52 -22.71 32.89
N GLU F 177 6.63 -22.96 33.85
CA GLU F 177 7.03 -23.00 35.25
C GLU F 177 7.97 -24.16 35.55
N LYS F 178 7.69 -25.35 34.98
CA LYS F 178 8.46 -26.54 35.33
C LYS F 178 9.81 -26.54 34.62
N PRO F 179 10.81 -27.17 35.23
CA PRO F 179 12.12 -27.30 34.57
C PRO F 179 12.13 -28.43 33.56
N GLY F 180 13.22 -28.47 32.78
CA GLY F 180 13.39 -29.49 31.77
C GLY F 180 14.58 -30.39 32.05
N PRO F 181 14.72 -31.44 31.24
CA PRO F 181 15.86 -32.36 31.43
C PRO F 181 17.19 -31.69 31.10
N GLN F 182 18.25 -32.17 31.73
CA GLN F 182 19.57 -31.61 31.54
C GLN F 182 20.05 -31.85 30.11
N PRO F 183 20.40 -30.80 29.36
CA PRO F 183 20.92 -30.99 28.00
C PRO F 183 22.37 -31.43 28.03
N SER F 184 22.62 -32.67 27.65
CA SER F 184 23.97 -33.21 27.60
C SER F 184 24.10 -34.15 26.41
N ALA F 185 25.30 -34.21 25.85
CA ALA F 185 25.55 -35.06 24.70
C ALA F 185 27.01 -35.51 24.72
N GLU F 186 27.28 -36.61 24.03
CA GLU F 186 28.62 -37.17 23.93
C GLU F 186 28.84 -37.68 22.51
N THR F 187 30.11 -37.81 22.14
CA THR F 187 30.49 -38.29 20.82
C THR F 187 31.89 -38.87 20.88
N THR F 188 32.10 -39.96 20.14
CA THR F 188 33.39 -40.62 20.09
C THR F 188 33.89 -40.67 18.65
N ARG F 189 35.21 -40.57 18.49
CA ARG F 189 35.87 -40.63 17.18
C ARG F 189 37.17 -41.42 17.35
N HIS F 190 37.11 -42.71 17.10
CA HIS F 190 38.28 -43.57 17.23
C HIS F 190 39.10 -43.58 15.95
N PHE F 191 40.37 -43.93 16.09
CA PHE F 191 41.34 -43.89 14.99
C PHE F 191 41.37 -45.26 14.31
N LEU F 192 42.37 -45.56 13.48
CA LEU F 192 42.27 -46.68 12.54
C LEU F 192 42.12 -48.02 13.25
N MET F 193 43.02 -48.33 14.19
CA MET F 193 43.02 -49.66 14.77
C MET F 193 43.20 -49.65 16.29
N SER F 194 43.39 -48.47 16.86
CA SER F 194 43.61 -48.38 18.30
C SER F 194 42.27 -48.45 19.06
N ASP F 195 42.28 -49.22 20.15
CA ASP F 195 41.13 -49.21 21.05
C ASP F 195 40.96 -47.85 21.72
N ARG F 196 42.04 -47.06 21.77
CA ARG F 196 41.94 -45.68 22.21
C ARG F 196 40.96 -44.91 21.32
N SER F 197 40.11 -44.10 21.94
CA SER F 197 39.07 -43.39 21.21
C SER F 197 38.95 -41.99 21.76
N LEU F 198 38.99 -41.00 20.87
CA LEU F 198 38.76 -39.62 21.27
C LEU F 198 37.34 -39.48 21.80
N HIS F 199 37.21 -38.82 22.95
CA HIS F 199 35.93 -38.73 23.66
C HIS F 199 35.77 -37.33 24.23
N LEU F 200 34.65 -36.69 23.91
CA LEU F 200 34.31 -35.40 24.49
C LEU F 200 32.89 -35.45 25.02
N GLU F 201 32.66 -34.71 26.11
CA GLU F 201 31.34 -34.58 26.70
C GLU F 201 31.06 -33.13 27.03
N ALA F 202 29.88 -32.66 26.64
CA ALA F 202 29.47 -31.30 26.93
C ALA F 202 28.06 -31.33 27.51
N SER F 203 27.77 -30.39 28.40
CA SER F 203 26.47 -30.33 29.04
C SER F 203 26.18 -28.90 29.47
N LEU F 204 24.90 -28.61 29.64
CA LEU F 204 24.45 -27.30 30.09
C LEU F 204 24.01 -27.38 31.55
N ASP F 205 23.98 -26.22 32.20
CA ASP F 205 23.55 -26.15 33.60
C ASP F 205 22.03 -26.16 33.73
N LYS F 206 21.31 -25.72 32.71
CA LYS F 206 19.85 -25.73 32.72
C LYS F 206 19.36 -26.03 31.31
N GLU F 207 18.04 -26.09 31.17
CA GLU F 207 17.40 -26.28 29.87
C GLU F 207 16.73 -25.01 29.36
N LEU F 208 16.35 -24.10 30.25
CA LEU F 208 15.72 -22.84 29.88
C LEU F 208 16.56 -21.68 30.38
N TYR F 209 16.85 -20.72 29.50
CA TYR F 209 17.64 -19.56 29.84
C TYR F 209 16.86 -18.30 29.50
N TYR F 210 16.90 -17.33 30.41
CA TYR F 210 16.25 -16.05 30.15
C TYR F 210 17.13 -15.19 29.24
N HIS F 211 16.52 -14.16 28.66
CA HIS F 211 17.22 -13.32 27.70
C HIS F 211 18.29 -12.51 28.42
N GLY F 212 19.52 -12.62 27.94
CA GLY F 212 20.66 -12.00 28.58
C GLY F 212 21.34 -12.84 29.63
N GLU F 213 20.77 -13.98 29.99
CA GLU F 213 21.37 -14.85 30.98
C GLU F 213 22.47 -15.70 30.34
N PRO F 214 23.62 -15.85 30.99
CA PRO F 214 24.73 -16.58 30.38
C PRO F 214 24.49 -18.07 30.38
N LEU F 215 25.19 -18.76 29.48
CA LEU F 215 25.12 -20.20 29.35
C LEU F 215 26.45 -20.81 29.74
N ASN F 216 26.41 -21.82 30.62
CA ASN F 216 27.60 -22.53 31.06
C ASN F 216 27.63 -23.91 30.42
N VAL F 217 28.72 -24.21 29.72
CA VAL F 217 28.92 -25.50 29.08
C VAL F 217 30.12 -26.17 29.73
N ASN F 218 29.91 -27.38 30.24
CA ASN F 218 30.95 -28.13 30.95
C ASN F 218 31.58 -29.15 29.99
N VAL F 219 32.46 -28.65 29.13
CA VAL F 219 33.11 -29.51 28.16
C VAL F 219 34.11 -30.41 28.87
N HIS F 220 33.99 -31.72 28.64
CA HIS F 220 34.90 -32.71 29.22
C HIS F 220 35.43 -33.59 28.09
N VAL F 221 36.75 -33.59 27.93
CA VAL F 221 37.41 -34.30 26.83
C VAL F 221 38.26 -35.41 27.40
N THR F 222 38.11 -36.61 26.84
CA THR F 222 38.89 -37.78 27.22
C THR F 222 39.60 -38.29 25.97
N ASN F 223 40.77 -37.71 25.70
CA ASN F 223 41.55 -38.09 24.52
C ASN F 223 42.70 -39.02 24.93
N ASN F 224 42.36 -40.30 25.03
CA ASN F 224 43.32 -41.33 25.34
C ASN F 224 44.11 -41.80 24.12
N SER F 225 43.81 -41.24 22.95
CA SER F 225 44.49 -41.61 21.72
C SER F 225 45.82 -40.86 21.59
N THR F 226 46.45 -41.04 20.43
CA THR F 226 47.80 -40.54 20.19
C THR F 226 47.84 -39.20 19.45
N LYS F 227 46.70 -38.60 19.16
CA LYS F 227 46.66 -37.33 18.45
C LYS F 227 46.45 -36.18 19.41
N THR F 228 46.81 -34.98 18.94
CA THR F 228 46.79 -33.77 19.75
C THR F 228 45.65 -32.86 19.32
N VAL F 229 44.89 -32.37 20.29
CA VAL F 229 43.79 -31.45 20.04
C VAL F 229 44.32 -30.02 20.16
N LYS F 230 44.05 -29.20 19.16
CA LYS F 230 44.59 -27.85 19.11
C LYS F 230 43.72 -26.83 19.81
N LYS F 231 42.43 -26.76 19.47
CA LYS F 231 41.54 -25.74 20.01
C LYS F 231 40.18 -26.33 20.31
N ILE F 232 39.45 -25.66 21.18
CA ILE F 232 38.03 -25.94 21.42
C ILE F 232 37.25 -24.67 21.10
N LYS F 233 36.29 -24.79 20.20
CA LYS F 233 35.48 -23.67 19.74
C LYS F 233 34.03 -23.93 20.09
N VAL F 234 33.39 -22.97 20.77
CA VAL F 234 32.02 -23.10 21.24
C VAL F 234 31.18 -22.03 20.59
N SER F 235 30.04 -22.42 20.03
CA SER F 235 29.18 -21.51 19.29
C SER F 235 27.72 -21.71 19.70
N VAL F 236 26.94 -20.66 19.53
CA VAL F 236 25.49 -20.70 19.74
C VAL F 236 24.82 -20.40 18.42
N ARG F 237 23.96 -21.32 17.97
CA ARG F 237 23.36 -21.25 16.64
C ARG F 237 21.86 -21.01 16.79
N GLN F 238 21.33 -20.11 15.95
CA GLN F 238 19.90 -19.87 15.89
C GLN F 238 19.34 -20.51 14.63
N TYR F 239 18.31 -21.33 14.78
CA TYR F 239 17.70 -22.04 13.68
C TYR F 239 16.35 -21.41 13.37
N ALA F 240 16.22 -20.82 12.19
CA ALA F 240 14.97 -20.22 11.75
C ALA F 240 14.37 -21.10 10.67
N ASP F 241 13.33 -21.86 11.03
CA ASP F 241 12.67 -22.79 10.13
C ASP F 241 11.44 -22.11 9.54
N ILE F 242 11.51 -21.81 8.24
CA ILE F 242 10.42 -21.15 7.53
C ILE F 242 9.60 -22.22 6.82
N VAL F 243 8.31 -22.27 7.13
CA VAL F 243 7.39 -23.27 6.57
C VAL F 243 6.24 -22.52 5.91
N LEU F 244 6.27 -22.46 4.59
CA LEU F 244 5.12 -21.99 3.81
C LEU F 244 4.41 -23.14 3.13
N PHE F 245 5.10 -23.87 2.26
CA PHE F 245 4.69 -25.21 1.86
C PHE F 245 5.83 -26.22 1.83
N SER F 246 7.08 -25.78 1.95
CA SER F 246 8.22 -26.65 2.14
C SER F 246 9.05 -26.12 3.30
N THR F 247 9.63 -27.04 4.07
CA THR F 247 10.35 -26.68 5.29
C THR F 247 11.77 -26.28 4.93
N ALA F 248 12.02 -24.97 4.93
CA ALA F 248 13.34 -24.43 4.66
C ALA F 248 13.98 -24.00 5.99
N GLN F 249 15.16 -24.54 6.28
CA GLN F 249 15.86 -24.30 7.53
C GLN F 249 17.08 -23.43 7.28
N TYR F 250 17.28 -22.42 8.12
CA TYR F 250 18.41 -21.51 8.00
C TYR F 250 19.08 -21.38 9.36
N LYS F 251 20.41 -21.41 9.36
CA LYS F 251 21.19 -21.36 10.58
C LYS F 251 21.96 -20.06 10.66
N VAL F 252 21.95 -19.44 11.83
CA VAL F 252 22.69 -18.18 12.06
C VAL F 252 23.47 -18.31 13.35
N PRO F 253 24.79 -18.13 13.34
CA PRO F 253 25.58 -18.14 14.58
C PRO F 253 25.47 -16.78 15.27
N VAL F 254 25.16 -16.80 16.57
CA VAL F 254 24.92 -15.57 17.31
C VAL F 254 25.94 -15.32 18.41
N ALA F 255 26.81 -16.28 18.71
CA ALA F 255 27.82 -16.09 19.73
C ALA F 255 28.89 -17.16 19.57
N GLN F 256 30.15 -16.75 19.74
CA GLN F 256 31.27 -17.68 19.61
C GLN F 256 32.30 -17.36 20.69
N VAL F 257 32.85 -18.42 21.27
CA VAL F 257 33.92 -18.31 22.27
C VAL F 257 35.02 -19.30 21.91
N GLU F 258 36.25 -18.79 21.79
CA GLU F 258 37.39 -19.60 21.40
C GLU F 258 38.56 -19.35 22.33
N GLN F 259 39.17 -20.43 22.82
CA GLN F 259 40.36 -20.35 23.64
C GLN F 259 41.36 -21.39 23.17
N ASP F 260 42.64 -21.05 23.25
CA ASP F 260 43.71 -21.93 22.81
C ASP F 260 44.08 -22.95 23.89
N ASP F 261 43.15 -23.84 24.19
CA ASP F 261 43.32 -24.85 25.24
C ASP F 261 43.71 -26.21 24.62
N GLN F 262 44.98 -26.30 24.24
CA GLN F 262 45.50 -27.52 23.64
C GLN F 262 45.45 -28.67 24.64
N VAL F 263 45.24 -29.88 24.12
CA VAL F 263 45.13 -31.09 24.93
C VAL F 263 46.26 -32.04 24.55
N SER F 264 46.98 -32.52 25.55
CA SER F 264 48.08 -33.46 25.34
C SER F 264 47.52 -34.85 25.05
N PRO F 265 48.27 -35.66 24.31
CA PRO F 265 47.81 -37.03 24.03
C PRO F 265 47.75 -37.87 25.29
N SER F 266 46.80 -38.81 25.29
CA SER F 266 46.60 -39.74 26.41
C SER F 266 46.39 -38.99 27.73
N SER F 267 45.61 -37.93 27.68
CA SER F 267 45.32 -37.13 28.86
C SER F 267 43.95 -36.50 28.72
N THR F 268 43.29 -36.29 29.86
CA THR F 268 41.96 -35.71 29.89
C THR F 268 42.03 -34.19 29.94
N PHE F 269 40.86 -33.56 29.85
CA PHE F 269 40.76 -32.11 29.93
C PHE F 269 39.34 -31.75 30.37
N SER F 270 39.24 -30.66 31.14
CA SER F 270 37.94 -30.23 31.65
C SER F 270 37.94 -28.70 31.77
N LYS F 271 36.82 -28.11 31.40
CA LYS F 271 36.66 -26.66 31.51
C LYS F 271 35.17 -26.33 31.53
N VAL F 272 34.86 -25.14 32.00
CA VAL F 272 33.47 -24.65 32.09
C VAL F 272 33.44 -23.29 31.41
N TYR F 273 33.03 -23.27 30.15
CA TYR F 273 32.99 -22.02 29.40
C TYR F 273 31.76 -21.21 29.76
N THR F 274 31.73 -19.97 29.27
CA THR F 274 30.59 -19.08 29.44
C THR F 274 30.32 -18.36 28.12
N ILE F 275 29.04 -18.26 27.75
CA ILE F 275 28.64 -17.64 26.50
C ILE F 275 27.28 -17.00 26.68
N THR F 276 27.05 -15.88 25.99
CA THR F 276 25.82 -15.13 26.13
C THR F 276 25.37 -14.55 24.80
N PRO F 277 24.24 -14.99 24.25
CA PRO F 277 23.72 -14.37 23.03
C PRO F 277 23.16 -12.99 23.32
N PHE F 278 23.45 -12.04 22.42
CA PHE F 278 22.88 -10.70 22.51
C PHE F 278 22.92 -10.06 21.14
N LEU F 279 22.24 -8.91 21.02
CA LEU F 279 22.00 -8.27 19.75
C LEU F 279 23.04 -7.22 19.38
N ALA F 280 23.97 -6.91 20.29
CA ALA F 280 24.89 -5.79 20.05
C ALA F 280 25.79 -6.05 18.84
N ASN F 281 26.31 -7.26 18.71
CA ASN F 281 27.24 -7.60 17.63
C ASN F 281 26.57 -8.47 16.56
N ASN F 282 25.26 -8.35 16.40
CA ASN F 282 24.52 -9.13 15.42
C ASN F 282 23.65 -8.28 14.50
N ARG F 283 23.93 -6.98 14.38
CA ARG F 283 23.06 -6.10 13.60
C ARG F 283 23.36 -6.16 12.11
N GLU F 284 24.50 -6.74 11.71
CA GLU F 284 24.85 -6.81 10.30
C GLU F 284 24.44 -8.13 9.65
N LYS F 285 23.87 -9.07 10.42
CA LYS F 285 23.57 -10.39 9.91
C LYS F 285 22.16 -10.40 9.29
N ARG F 286 22.07 -10.84 8.04
CA ARG F 286 20.78 -11.01 7.40
C ARG F 286 20.17 -12.36 7.79
N GLY F 287 18.85 -12.39 7.94
CA GLY F 287 18.15 -13.60 8.28
C GLY F 287 18.11 -13.93 9.76
N LEU F 288 18.49 -12.99 10.63
CA LEU F 288 18.41 -13.21 12.07
C LEU F 288 16.99 -12.95 12.54
N ALA F 289 16.45 -13.86 13.34
CA ALA F 289 15.07 -13.76 13.79
C ALA F 289 14.97 -12.89 15.04
N LEU F 290 14.01 -11.96 15.05
CA LEU F 290 13.77 -11.08 16.16
C LEU F 290 12.29 -11.12 16.55
N ASP F 291 12.00 -10.72 17.78
CA ASP F 291 10.62 -10.72 18.25
C ASP F 291 9.80 -9.64 17.53
N GLY F 292 8.49 -9.88 17.47
CA GLY F 292 7.62 -8.95 16.78
C GLY F 292 7.53 -7.60 17.46
N LYS F 293 7.17 -6.60 16.67
CA LYS F 293 7.14 -5.21 17.13
C LYS F 293 5.78 -4.58 16.85
N LEU F 294 5.38 -3.67 17.74
CA LEU F 294 4.22 -2.83 17.46
C LEU F 294 4.60 -1.60 16.64
N LYS F 295 5.86 -1.20 16.69
CA LYS F 295 6.34 0.00 16.01
C LYS F 295 7.80 -0.27 15.63
N HIS F 296 8.59 0.76 15.37
CA HIS F 296 9.98 0.59 15.00
C HIS F 296 10.90 0.57 16.22
N GLU F 297 10.37 0.16 17.37
CA GLU F 297 11.19 0.10 18.58
C GLU F 297 12.08 -1.14 18.55
N ASP F 298 13.07 -1.15 19.45
CA ASP F 298 14.01 -2.25 19.53
C ASP F 298 13.37 -3.47 20.17
N THR F 299 13.78 -4.65 19.73
CA THR F 299 13.33 -5.91 20.31
C THR F 299 14.53 -6.85 20.44
N ASN F 300 14.43 -7.77 21.39
CA ASN F 300 15.50 -8.72 21.64
C ASN F 300 15.52 -9.79 20.56
N LEU F 301 16.42 -10.77 20.74
CA LEU F 301 16.43 -11.93 19.87
C LEU F 301 15.14 -12.72 20.02
N ALA F 302 14.70 -13.35 18.92
CA ALA F 302 13.43 -14.05 18.93
C ALA F 302 13.46 -15.19 19.94
N SER F 303 12.39 -15.28 20.74
CA SER F 303 12.25 -16.37 21.69
C SER F 303 11.96 -17.68 20.96
N SER F 304 12.39 -18.78 21.56
CA SER F 304 12.17 -20.09 20.97
C SER F 304 10.67 -20.37 20.88
N THR F 305 10.28 -20.99 19.76
CA THR F 305 8.87 -21.35 19.54
C THR F 305 8.64 -22.74 20.11
N ILE F 306 8.12 -22.79 21.33
CA ILE F 306 7.84 -24.06 21.98
C ILE F 306 6.58 -24.66 21.35
N VAL F 307 6.57 -25.99 21.23
CA VAL F 307 5.45 -26.72 20.66
C VAL F 307 4.96 -27.71 21.70
N LYS F 308 3.64 -27.74 21.90
CA LYS F 308 3.06 -28.64 22.89
C LYS F 308 3.30 -30.09 22.52
N GLU F 309 3.07 -30.97 23.50
CA GLU F 309 3.27 -32.40 23.28
C GLU F 309 2.34 -32.93 22.18
N GLY F 310 1.18 -32.31 22.01
CA GLY F 310 0.29 -32.66 20.92
C GLY F 310 0.65 -31.95 19.63
N ALA F 311 1.86 -32.20 19.13
CA ALA F 311 2.34 -31.53 17.93
C ALA F 311 1.71 -32.13 16.68
N ASN F 312 0.43 -31.83 16.43
CA ASN F 312 -0.24 -32.43 15.28
C ASN F 312 0.24 -31.87 13.95
N LYS F 313 0.01 -30.59 13.66
CA LYS F 313 0.54 -30.02 12.43
C LYS F 313 1.50 -28.88 12.70
N GLU F 314 1.01 -27.79 13.29
CA GLU F 314 1.83 -26.73 13.89
C GLU F 314 2.83 -26.08 12.93
N VAL F 315 2.83 -26.48 11.66
CA VAL F 315 3.83 -26.00 10.71
C VAL F 315 3.31 -24.82 9.91
N LEU F 316 3.56 -23.61 10.42
CA LEU F 316 3.28 -22.38 9.71
C LEU F 316 4.23 -21.30 10.18
N GLY F 317 4.39 -20.26 9.36
CA GLY F 317 5.20 -19.12 9.74
C GLY F 317 6.66 -19.49 9.94
N ILE F 318 7.31 -18.78 10.87
CA ILE F 318 8.71 -18.98 11.20
C ILE F 318 8.79 -19.61 12.58
N LEU F 319 9.57 -20.67 12.70
CA LEU F 319 9.80 -21.36 13.96
C LEU F 319 11.27 -21.22 14.34
N VAL F 320 11.53 -20.71 15.54
CA VAL F 320 12.87 -20.39 15.99
C VAL F 320 13.32 -21.41 17.02
N SER F 321 14.60 -21.78 16.97
CA SER F 321 15.19 -22.70 17.92
C SER F 321 16.67 -22.36 18.08
N TYR F 322 17.24 -22.79 19.20
CA TYR F 322 18.63 -22.50 19.53
C TYR F 322 19.36 -23.79 19.88
N ARG F 323 20.66 -23.80 19.60
CA ARG F 323 21.51 -24.94 19.91
C ARG F 323 22.92 -24.44 20.19
N VAL F 324 23.54 -25.01 21.23
CA VAL F 324 24.94 -24.73 21.54
C VAL F 324 25.81 -25.81 20.91
N LYS F 325 26.85 -25.39 20.21
CA LYS F 325 27.72 -26.30 19.49
C LYS F 325 29.12 -26.25 20.10
N VAL F 326 29.67 -27.42 20.40
CA VAL F 326 31.03 -27.57 20.88
C VAL F 326 31.81 -28.34 19.84
N LYS F 327 32.98 -27.84 19.46
CA LYS F 327 33.76 -28.45 18.40
C LYS F 327 35.23 -28.49 18.80
N LEU F 328 35.86 -29.63 18.55
CA LEU F 328 37.30 -29.79 18.80
C LEU F 328 38.05 -29.74 17.49
N VAL F 329 39.06 -28.88 17.40
CA VAL F 329 39.85 -28.71 16.20
C VAL F 329 41.12 -29.55 16.35
N VAL F 330 41.33 -30.47 15.39
CA VAL F 330 42.46 -31.39 15.43
C VAL F 330 43.26 -31.22 14.16
N SER F 331 44.58 -31.31 14.30
CA SER F 331 45.47 -31.17 13.16
C SER F 331 45.22 -32.28 12.15
N ARG F 332 45.22 -31.92 10.86
CA ARG F 332 45.01 -32.85 9.76
C ARG F 332 43.68 -33.60 9.89
N GLY F 333 42.59 -32.84 9.86
CA GLY F 333 41.28 -33.42 9.94
C GLY F 333 40.92 -33.89 11.34
N GLY F 334 39.99 -34.83 11.39
CA GLY F 334 39.55 -35.37 12.67
C GLY F 334 38.69 -34.44 13.50
N ASP F 335 37.88 -33.62 12.86
CA ASP F 335 36.97 -32.74 13.59
C ASP F 335 35.86 -33.56 14.25
N VAL F 336 35.54 -33.19 15.48
CA VAL F 336 34.49 -33.86 16.25
C VAL F 336 33.68 -32.79 16.99
N SER F 337 32.36 -32.97 17.01
CA SER F 337 31.49 -31.93 17.55
C SER F 337 30.29 -32.55 18.23
N VAL F 338 29.72 -31.79 19.17
CA VAL F 338 28.46 -32.12 19.83
C VAL F 338 27.58 -30.89 19.83
N GLU F 339 26.28 -31.09 19.98
CA GLU F 339 25.31 -30.00 20.00
C GLU F 339 24.37 -30.17 21.19
N LEU F 340 24.10 -29.08 21.88
CA LEU F 340 23.26 -29.09 23.07
C LEU F 340 22.06 -28.17 22.88
N PRO F 341 20.88 -28.70 22.59
CA PRO F 341 19.70 -27.84 22.43
C PRO F 341 19.28 -27.21 23.75
N PHE F 342 18.67 -26.03 23.65
CA PHE F 342 18.13 -25.34 24.80
C PHE F 342 17.05 -24.38 24.33
N VAL F 343 16.25 -23.88 25.27
CA VAL F 343 15.17 -22.95 24.98
C VAL F 343 15.46 -21.63 25.66
N LEU F 344 15.20 -20.53 24.94
CA LEU F 344 15.46 -19.18 25.41
C LEU F 344 14.14 -18.42 25.43
N MET F 345 13.75 -17.94 26.61
CA MET F 345 12.45 -17.32 26.76
C MET F 345 12.47 -16.30 27.88
N HIS F 346 11.49 -15.40 27.87
CA HIS F 346 11.27 -14.44 28.94
C HIS F 346 10.54 -15.11 30.10
N PRO F 347 10.78 -14.65 31.33
CA PRO F 347 10.02 -15.17 32.47
C PRO F 347 8.58 -14.65 32.44
N LYS F 348 7.70 -15.41 33.08
CA LYS F 348 6.30 -15.03 33.14
C LYS F 348 6.14 -13.78 34.00
N PRO F 349 5.52 -12.72 33.48
CA PRO F 349 5.35 -11.51 34.29
C PRO F 349 4.45 -11.75 35.50
N HIS F 350 4.73 -11.03 36.58
CA HIS F 350 3.95 -11.15 37.80
C HIS F 350 2.70 -10.29 37.72
N ASP F 351 2.79 -9.24 36.88
CA ASP F 351 1.65 -8.31 36.73
C ASP F 351 1.59 -7.84 35.27
N TYR F 391 -3.88 -25.02 -1.78
CA TYR F 391 -3.18 -23.87 -2.32
C TYR F 391 -1.83 -24.28 -2.89
N ALA F 392 -1.66 -24.07 -4.19
CA ALA F 392 -0.41 -24.35 -4.87
C ALA F 392 -0.09 -23.25 -5.86
N THR F 393 -0.50 -22.02 -5.55
CA THR F 393 -0.43 -20.90 -6.48
C THR F 393 1.01 -20.65 -6.91
N ASP F 394 1.22 -20.31 -8.19
CA ASP F 394 2.54 -20.17 -8.79
C ASP F 394 3.40 -19.15 -8.07
N ASP F 395 2.82 -18.00 -7.72
CA ASP F 395 3.61 -16.93 -7.11
C ASP F 395 4.17 -17.36 -5.76
N ASP F 396 3.47 -18.24 -5.04
CA ASP F 396 3.99 -18.74 -3.78
C ASP F 396 5.25 -19.57 -4.00
N ILE F 397 5.24 -20.43 -5.03
CA ILE F 397 6.43 -21.22 -5.36
C ILE F 397 7.57 -20.30 -5.81
N VAL F 398 7.24 -19.27 -6.58
CA VAL F 398 8.24 -18.31 -7.01
C VAL F 398 8.87 -17.62 -5.81
N PHE F 399 8.05 -17.19 -4.85
CA PHE F 399 8.58 -16.54 -3.67
C PHE F 399 9.40 -17.50 -2.81
N GLU F 400 8.99 -18.77 -2.74
CA GLU F 400 9.80 -19.75 -2.00
C GLU F 400 11.18 -19.89 -2.61
N ASP F 401 11.24 -20.01 -3.95
CA ASP F 401 12.53 -20.07 -4.62
C ASP F 401 13.33 -18.80 -4.38
N PHE F 402 12.67 -17.65 -4.44
CA PHE F 402 13.36 -16.38 -4.24
C PHE F 402 13.95 -16.28 -2.84
N ALA F 403 13.18 -16.70 -1.82
CA ALA F 403 13.67 -16.66 -0.46
C ALA F 403 14.82 -17.63 -0.25
N ARG F 404 14.71 -18.84 -0.82
CA ARG F 404 15.80 -19.81 -0.72
C ARG F 404 17.07 -19.27 -1.35
N LEU F 405 16.94 -18.58 -2.49
CA LEU F 405 18.11 -18.00 -3.14
C LEU F 405 18.69 -16.85 -2.33
N ARG F 406 17.83 -15.94 -1.86
CA ARG F 406 18.31 -14.73 -1.20
C ARG F 406 18.92 -15.02 0.16
N LEU F 407 18.24 -15.81 0.99
CA LEU F 407 18.74 -16.04 2.35
C LEU F 407 20.01 -16.88 2.35
N LYS F 408 20.17 -17.76 1.37
CA LYS F 408 21.38 -18.56 1.26
C LYS F 408 22.27 -18.06 0.13
N SEP G 6 -21.29 7.11 1.60
CA SEP G 6 -20.80 8.42 1.11
CB SEP G 6 -20.05 9.14 2.23
OG SEP G 6 -19.22 8.17 2.91
C SEP G 6 -19.90 8.22 -0.11
O SEP G 6 -19.94 7.12 -0.70
P SEP G 6 -19.03 8.33 4.50
O1P SEP G 6 -18.04 7.26 4.90
O2P SEP G 6 -18.48 9.74 4.70
O3P SEP G 6 -20.40 8.14 5.13
N LEU G 7 -19.11 9.23 -0.45
CA LEU G 7 -18.19 9.15 -1.61
C LEU G 7 -16.77 9.43 -1.11
N SEP G 8 -15.74 9.04 -1.86
CA SEP G 8 -14.41 9.23 -1.34
CB SEP G 8 -13.55 8.00 -1.62
OG SEP G 8 -14.19 6.82 -1.16
C SEP G 8 -13.74 10.47 -1.93
O SEP G 8 -14.31 11.12 -2.81
P SEP G 8 -13.29 5.53 -1.50
O1P SEP G 8 -12.23 5.89 -2.65
O2P SEP G 8 -14.24 4.33 -2.00
O3P SEP G 8 -12.50 5.06 -0.17
N SEP G 9 -12.56 10.81 -1.44
CA SEP G 9 -11.82 11.96 -1.94
CB SEP G 9 -10.67 12.32 -1.00
OG SEP G 9 -9.54 11.50 -1.25
C SEP G 9 -11.28 11.69 -3.34
O SEP G 9 -10.38 10.87 -3.52
P SEP G 9 -9.48 10.28 -0.20
O1P SEP G 9 -8.02 9.61 -0.25
O2P SEP G 9 -10.58 9.18 -0.57
O3P SEP G 9 -9.75 10.85 1.29
N CYS G 10 -11.83 12.38 -4.33
CA CYS G 10 -11.43 12.18 -5.71
C CYS G 10 -11.00 13.49 -6.36
N SEP G 11 -10.47 13.39 -7.57
CA SEP G 11 -10.00 14.56 -8.31
CB SEP G 11 -9.14 14.14 -9.51
OG SEP G 11 -8.02 13.38 -9.08
C SEP G 11 -11.17 15.41 -8.78
O SEP G 11 -12.22 14.88 -9.13
P SEP G 11 -8.23 11.83 -9.50
O1P SEP G 11 -7.01 10.95 -8.89
O2P SEP G 11 -9.62 11.30 -8.92
O3P SEP G 11 -8.23 11.71 -11.10
N GLU G 12 -10.99 16.72 -8.77
CA GLU G 12 -12.04 17.64 -9.20
C GLU G 12 -11.51 18.68 -10.16
N SEP G 13 -12.36 19.63 -10.54
CA SEP G 13 -12.01 20.62 -11.55
CB SEP G 13 -12.77 20.34 -12.84
OG SEP G 13 -14.17 20.46 -12.62
C SEP G 13 -12.29 22.04 -11.09
O SEP G 13 -12.97 22.27 -10.09
P SEP G 13 -14.98 20.29 -14.00
O1P SEP G 13 -14.75 18.81 -14.57
O2P SEP G 13 -14.47 21.37 -15.07
O3P SEP G 13 -16.55 20.53 -13.72
N SEP G 14 -11.76 23.00 -11.83
CA SEP G 14 -12.02 24.41 -11.58
CB SEP G 14 -11.01 24.98 -10.58
OG SEP G 14 -11.27 26.34 -10.30
C SEP G 14 -11.95 25.20 -12.89
O SEP G 14 -11.50 24.67 -13.91
P SEP G 14 -11.80 26.52 -8.80
O1P SEP G 14 -10.67 25.98 -7.77
O2P SEP G 14 -12.08 28.07 -8.51
O3P SEP G 14 -13.15 25.68 -8.59
N ILE G 15 -12.39 26.44 -12.86
CA ILE G 15 -12.43 27.25 -14.07
C ILE G 15 -11.27 28.24 -14.11
N LEU G 16 -10.84 28.55 -15.33
CA LEU G 16 -9.75 29.52 -15.52
C LEU G 16 -10.07 30.42 -16.71
N TPO G 17 -9.89 31.72 -16.51
CA TPO G 17 -10.19 32.71 -17.54
CB TPO G 17 -11.26 33.66 -17.05
CG2 TPO G 17 -12.31 33.87 -18.15
OG1 TPO G 17 -11.90 33.10 -15.90
P TPO G 17 -11.41 33.94 -14.63
O1P TPO G 17 -9.83 33.76 -14.42
O2P TPO G 17 -12.20 33.41 -13.32
O3P TPO G 17 -11.73 35.37 -14.83
C TPO G 17 -8.95 33.48 -17.96
O TPO G 17 -7.88 33.30 -17.37
N ALA G 18 -9.09 34.31 -18.98
CA ALA G 18 -7.97 35.10 -19.49
C ALA G 18 -7.60 36.21 -18.52
N SEP H 6 3.78 18.73 12.23
CA SEP H 6 2.71 18.11 13.05
CB SEP H 6 1.41 18.08 12.27
OG SEP H 6 1.68 17.57 10.96
C SEP H 6 3.14 16.70 13.47
O SEP H 6 4.35 16.47 13.65
P SEP H 6 1.25 18.47 9.69
O1P SEP H 6 1.85 17.80 8.47
O2P SEP H 6 1.83 19.84 9.96
O3P SEP H 6 -0.26 18.45 9.69
N LEU H 7 2.17 15.80 13.63
CA LEU H 7 2.46 14.39 14.00
C LEU H 7 1.47 13.49 13.26
N SEP H 8 1.54 12.18 13.47
CA SEP H 8 0.66 11.27 12.71
CB SEP H 8 1.52 10.26 11.98
OG SEP H 8 2.56 10.98 11.27
C SEP H 8 -0.38 10.62 13.61
O SEP H 8 -0.03 10.27 14.75
P SEP H 8 3.40 10.24 10.13
O1P SEP H 8 3.40 8.77 10.49
O2P SEP H 8 4.78 10.86 10.16
O3P SEP H 8 2.66 10.51 8.82
N SEP H 9 -1.62 10.54 13.12
CA SEP H 9 -2.71 9.88 13.89
CB SEP H 9 -3.99 9.87 13.07
OG SEP H 9 -3.84 8.92 11.99
C SEP H 9 -2.25 8.49 14.30
O SEP H 9 -2.32 7.56 13.48
P SEP H 9 -3.60 9.49 10.49
O1P SEP H 9 -3.15 8.29 9.68
O2P SEP H 9 -2.52 10.54 10.60
O3P SEP H 9 -4.93 10.04 10.04
N CYS H 10 -1.76 8.37 15.53
CA CYS H 10 -1.29 7.09 16.04
C CYS H 10 -2.18 6.56 17.15
N SEP H 11 -1.80 5.42 17.72
CA SEP H 11 -2.57 4.80 18.79
CB SEP H 11 -2.06 3.38 19.05
OG SEP H 11 -2.19 2.57 17.90
C SEP H 11 -2.50 5.62 20.07
O SEP H 11 -1.56 6.39 20.27
P SEP H 11 -0.74 2.32 17.23
O1P SEP H 11 -0.81 1.01 16.29
O2P SEP H 11 -0.36 3.60 16.32
O3P SEP H 11 0.37 2.11 18.37
N GLU H 12 -3.49 5.45 20.93
CA GLU H 12 -3.52 6.17 22.20
C GLU H 12 -4.24 5.35 23.27
N SEP H 13 -4.33 5.90 24.47
CA SEP H 13 -4.87 5.17 25.61
CB SEP H 13 -3.76 4.87 26.61
OG SEP H 13 -3.22 6.09 27.13
C SEP H 13 -6.00 5.92 26.31
O SEP H 13 -6.14 7.13 26.16
P SEP H 13 -2.13 5.80 28.28
O1P SEP H 13 -0.93 4.93 27.66
O2P SEP H 13 -2.82 4.99 29.48
O3P SEP H 13 -1.56 7.21 28.82
N SEP H 14 -6.78 5.19 27.09
CA SEP H 14 -7.81 5.77 27.93
CB SEP H 14 -9.17 5.73 27.24
OG SEP H 14 -10.18 6.32 28.05
C SEP H 14 -7.86 5.03 29.26
O SEP H 14 -7.23 3.99 29.42
P SEP H 14 -10.57 7.77 27.47
O1P SEP H 14 -11.09 7.61 25.96
O2P SEP H 14 -11.74 8.40 28.38
O3P SEP H 14 -9.28 8.73 27.50
N ILE H 15 -8.60 5.59 30.22
CA ILE H 15 -8.65 4.99 31.55
C ILE H 15 -9.98 4.27 31.78
N LEU H 16 -9.92 3.16 32.50
CA LEU H 16 -11.12 2.39 32.82
C LEU H 16 -11.18 2.10 34.31
N TPO H 17 -12.38 2.21 34.88
CA TPO H 17 -12.58 2.00 36.31
CB TPO H 17 -12.96 3.31 36.98
CG2 TPO H 17 -12.07 3.54 38.20
OG1 TPO H 17 -12.77 4.36 36.04
P TPO H 17 -14.22 4.89 35.61
O1P TPO H 17 -14.34 4.89 34.00
O2P TPO H 17 -14.41 6.27 36.13
O3P TPO H 17 -15.35 3.93 36.23
C TPO H 17 -13.63 0.92 36.57
O TPO H 17 -14.31 0.47 35.65
N ALA H 18 -13.75 0.52 37.84
CA ALA H 18 -14.71 -0.50 38.22
C ALA H 18 -16.14 0.03 38.15
#